data_9IZG
#
_entry.id   9IZG
#
_cell.length_a   1.00
_cell.length_b   1.00
_cell.length_c   1.00
_cell.angle_alpha   90.00
_cell.angle_beta   90.00
_cell.angle_gamma   90.00
#
_symmetry.space_group_name_H-M   'P 1'
#
loop_
_entity.id
_entity.type
_entity.pdbx_description
1 polymer 'Guanine nucleotide-binding protein G(I)/G(S)/G(T) subunit beta-1'
2 polymer 'Guanine nucleotide-binding protein G(I)/G(S)/G(O) subunit gamma-2'
3 polymer 'Soluble cytochrome b562,Lysophosphatidic acid receptor 1,LgBiT tag'
4 polymer 'Gs-mini-Gq chimera'
5 polymer scFv16
6 non-polymer '(2R)-2-hydroxy-3-(phosphonooxy)propyl (9E)-octadec-9-enoate'
7 water water
#
loop_
_entity_poly.entity_id
_entity_poly.type
_entity_poly.pdbx_seq_one_letter_code
_entity_poly.pdbx_strand_id
1 'polypeptide(L)'
;MHHHHHHHHENLYFQGSSELDQLRQEAEQLKNQIRDARKACADATLSQITNNIDPVGRIQMRTRRTLRGHLAKIYAMHWG
TDSRLLVSASQDGKLIIWDSYTTNKVHAIPLRSSWVMTCAYAPSGNYVACGGLDNICSIYNLKTREGNVRVSRELAGHTG
YLSCCRFLDDNQIVTSSGDTTCALWDIETGQQTTTFTGHTGDVMSLSLAPDTRLFVSGACDASAKLWDVREGMCRQTFTG
HESDINAICFFPNGNAFATGSDDATCRLFDLRADQELMTYSHDNIICGITSVSFSKSGRLLLAGYDDFNCNVWDALKADR
AGVLAGHDNRVSCLGVTDDGMAVATGSWDSFLKIWNGGSGGGGSGGSSSGGVSGWRLFKKIS
;
B
2 'polypeptide(L)' ASNNTASIAQARKLVEQLKMEANIDRIKVSKAAADLMAYCEAHAKEDPLLTPVPASENPFREKKFFCAIL C
3 'polypeptide(L)'
;MKTIIALSYIFCLVFADYKDDDDKADLEDNWETLNDNLKVIEKADNAAQVKDALTKMRAAALDAQKATPPKLEDKSPDSP
EMKDFRHGFDILVGQIDDALKLANEGKVKEAQAAAEQLKTTRNAYIQKYLAAISTSIPVISQPQFTAMNEPQCFYNESIA
FFYNRSGKHLATEWNTVSKLVMGLGITVCIFIMLANLLVMVAIYVNRRFHFPIYYLMANLAAADFFAGLAYFYLMFNTGP
NTRRLTVSTWLLRQGLIDTSLTASVANLLAIAIERHITVFRMQLHTRMSNRRVVVVIVVIWTMAIVMGAIPSVGWNCICD
IENCSNMAPLYSDSYLVFWAIFNLVTFVVMVVLYAHIFGYVRQRTMRMSRHSSGPRRNRDTMMSLLKTVVIVLGAFIICW
TPGLVLLLLDVCCPQCDVLAYEKFFLLLAEFNSAMNPIIYSYRDKEMSATFRQILCCQRSENPTGPTEGSDRSASSLNHT
ILAGVHSNDHSVVVFTLEDFVGDWEQTAAYNLDQVLEQGGVSSLLQNLAVSVTPIQRIVRSGENALKIDIHVIIPYEGLS
ADQMAQIEEVFKVVYPVDDHHFKVILPYGTLVIDGVTPNMLNYFGRPYEGIAVFDGKKITVTGTLWNGNKIIDERLITPD
GSMLFRVTINS
;
R
4 'polypeptide(L)'
;MGSTVSAEDKAAAERSKMIDKNLREDGEKARRTLRLLLLGADNSGKSTIVKQMRILHGGSGGSGGTSGIFETKFQVDKVN
FHMFDVGGQRDERRKWIQCFNDVTAIIFVVDSSDYNRLQEALNDFKSIWNNRWLRTISVILFLNKQDLLAEKVLAGKSKI
EDYFPEFARYTTPEDATPEPGEDPRVTRAKYFIRKEFVDISTASGDGRHICYPHFTCAVDTENARRIFNDCKDIILQMNL
REYNLV
;
A
5 'polypeptide(L)'
;DVQLVESGGGLVQPGGSRKLSCSASGFAFSSFGMHWVRQAPEKGLEWVAYISSGSGTIYYADTVKGRFTISRDDPKNTLF
LQMTSLRSEDTAMYYCVRSIYYYGSSPFDFWGQGTTLTVSSGGGGSGGGGSGGGGSDIVMTQATSSVPVTPGESVSISCR
SSKSLLHSNGNTYLYWFLQRPGQSPQLLIYRMSNLASGVPDRFSGSGSGTAFTLTISRLEAEDVGVYYCMQHLEYPLTFG
AGTKLELK
;
S
#
# COMPACT_ATOMS: atom_id res chain seq x y z
N SER A 18 52.57 23.49 -7.46
CA SER A 18 53.02 23.28 -6.10
C SER A 18 51.87 23.35 -5.12
N GLU A 19 52.18 23.37 -3.83
CA GLU A 19 51.13 23.47 -2.82
C GLU A 19 50.14 22.33 -3.00
N LEU A 20 48.87 22.67 -3.15
CA LEU A 20 47.86 21.65 -3.36
C LEU A 20 48.15 20.88 -4.63
N ASP A 21 48.61 21.59 -5.67
CA ASP A 21 48.96 20.92 -6.92
C ASP A 21 50.09 19.95 -6.67
N GLN A 22 51.07 20.36 -5.87
CA GLN A 22 52.14 19.44 -5.53
C GLN A 22 51.49 18.25 -4.87
N LEU A 23 50.70 18.52 -3.83
CA LEU A 23 49.97 17.45 -3.17
C LEU A 23 49.11 16.65 -4.15
N ARG A 24 48.66 17.30 -5.23
CA ARG A 24 47.85 16.60 -6.23
C ARG A 24 48.67 15.53 -6.94
N GLN A 25 49.95 15.82 -7.23
CA GLN A 25 50.82 14.82 -7.84
C GLN A 25 51.05 13.64 -6.90
N GLU A 26 51.20 13.92 -5.60
CA GLU A 26 51.35 12.84 -4.62
C GLU A 26 50.08 12.00 -4.53
N ALA A 27 48.91 12.64 -4.59
CA ALA A 27 47.65 11.89 -4.58
C ALA A 27 47.51 11.03 -5.83
N GLU A 28 47.89 11.56 -6.99
CA GLU A 28 47.81 10.78 -8.22
C GLU A 28 48.82 9.63 -8.20
N GLN A 29 50.01 9.86 -7.67
CA GLN A 29 51.01 8.80 -7.57
C GLN A 29 50.55 7.69 -6.64
N LEU A 30 49.94 8.05 -5.51
CA LEU A 30 49.42 7.05 -4.59
C LEU A 30 48.25 6.29 -5.19
N LYS A 31 47.43 6.95 -6.02
CA LYS A 31 46.32 6.28 -6.69
C LYS A 31 46.83 5.22 -7.66
N ASN A 32 47.92 5.52 -8.38
CA ASN A 32 48.49 4.56 -9.31
C ASN A 32 49.11 3.37 -8.59
N GLN A 33 49.68 3.60 -7.40
CA GLN A 33 50.26 2.51 -6.62
C GLN A 33 49.20 1.51 -6.18
N ILE A 34 48.04 2.00 -5.76
CA ILE A 34 46.93 1.12 -5.37
C ILE A 34 46.46 0.31 -6.57
N ARG A 35 46.32 0.96 -7.74
CA ARG A 35 45.90 0.27 -8.94
C ARG A 35 46.93 -0.79 -9.35
N ASP A 36 48.21 -0.47 -9.24
CA ASP A 36 49.25 -1.44 -9.57
C ASP A 36 49.23 -2.63 -8.62
N ALA A 37 49.02 -2.36 -7.32
CA ALA A 37 48.94 -3.45 -6.35
C ALA A 37 47.70 -4.31 -6.57
N ARG A 38 46.59 -3.68 -6.95
CA ARG A 38 45.38 -4.44 -7.23
C ARG A 38 45.52 -5.29 -8.49
N LYS A 39 46.25 -4.78 -9.50
CA LYS A 39 46.45 -5.55 -10.71
C LYS A 39 47.43 -6.70 -10.50
N ALA A 40 48.37 -6.56 -9.57
CA ALA A 40 49.33 -7.62 -9.31
C ALA A 40 48.67 -8.85 -8.71
N CYS A 41 47.71 -8.66 -7.81
CA CYS A 41 47.04 -9.78 -7.16
C CYS A 41 46.05 -10.49 -8.07
N ALA A 42 45.70 -9.90 -9.21
CA ALA A 42 44.70 -10.47 -10.10
C ALA A 42 45.35 -11.50 -11.03
N ASP A 43 45.79 -12.61 -10.42
CA ASP A 43 46.39 -13.68 -11.19
C ASP A 43 45.34 -14.48 -11.95
N ALA A 44 44.13 -14.56 -11.41
CA ALA A 44 43.04 -15.29 -12.05
C ALA A 44 41.72 -14.61 -11.74
N THR A 45 40.72 -14.90 -12.56
CA THR A 45 39.38 -14.33 -12.41
C THR A 45 38.50 -15.32 -11.66
N LEU A 46 37.64 -14.78 -10.78
CA LEU A 46 36.74 -15.63 -10.01
C LEU A 46 35.76 -16.35 -10.92
N SER A 47 35.29 -15.68 -11.99
CA SER A 47 34.42 -16.35 -12.95
C SER A 47 35.14 -17.48 -13.67
N GLN A 48 36.42 -17.26 -14.01
CA GLN A 48 37.19 -18.31 -14.66
C GLN A 48 37.43 -19.49 -13.73
N ILE A 49 37.72 -19.22 -12.46
CA ILE A 49 38.00 -20.29 -11.51
C ILE A 49 36.76 -21.12 -11.24
N THR A 50 35.61 -20.46 -11.08
CA THR A 50 34.36 -21.16 -10.76
C THR A 50 33.69 -21.78 -11.97
N ASN A 51 34.38 -21.92 -13.10
CA ASN A 51 33.80 -22.60 -14.26
C ASN A 51 34.05 -24.10 -14.19
N ASN A 52 33.76 -24.69 -13.03
CA ASN A 52 33.85 -26.13 -12.85
C ASN A 52 32.72 -26.69 -11.99
N ILE A 53 31.84 -25.84 -11.48
CA ILE A 53 30.78 -26.27 -10.57
C ILE A 53 29.46 -26.31 -11.33
N ASP A 54 28.57 -27.19 -10.88
CA ASP A 54 27.27 -27.32 -11.53
C ASP A 54 26.43 -26.07 -11.26
N PRO A 55 25.62 -25.64 -12.22
CA PRO A 55 24.74 -24.48 -11.99
C PRO A 55 23.65 -24.80 -10.98
N VAL A 56 23.06 -23.73 -10.45
CA VAL A 56 22.01 -23.86 -9.44
C VAL A 56 20.66 -24.22 -10.03
N GLY A 57 20.57 -24.43 -11.35
CA GLY A 57 19.31 -24.79 -11.95
C GLY A 57 18.41 -23.59 -12.14
N ARG A 58 17.10 -23.86 -12.19
CA ARG A 58 16.09 -22.82 -12.37
C ARG A 58 15.37 -22.61 -11.05
N ILE A 59 15.58 -21.46 -10.43
CA ILE A 59 14.92 -21.12 -9.18
C ILE A 59 13.51 -20.66 -9.47
N GLN A 60 12.53 -21.28 -8.83
CA GLN A 60 11.12 -20.97 -9.05
C GLN A 60 10.49 -20.67 -7.69
N MET A 61 10.25 -19.40 -7.42
CA MET A 61 9.63 -18.97 -6.17
C MET A 61 8.21 -18.49 -6.43
N ARG A 62 7.30 -18.82 -5.51
CA ARG A 62 5.91 -18.43 -5.61
C ARG A 62 5.52 -17.64 -4.37
N THR A 63 4.72 -16.60 -4.56
CA THR A 63 4.31 -15.73 -3.46
C THR A 63 3.35 -16.47 -2.53
N ARG A 64 3.84 -16.80 -1.34
CA ARG A 64 3.01 -17.51 -0.37
C ARG A 64 1.94 -16.59 0.21
N ARG A 65 2.34 -15.40 0.65
CA ARG A 65 1.43 -14.46 1.29
C ARG A 65 1.61 -13.08 0.71
N THR A 66 0.55 -12.28 0.80
CA THR A 66 0.58 -10.88 0.40
C THR A 66 0.06 -10.05 1.56
N LEU A 67 0.88 -9.11 2.05
CA LEU A 67 0.54 -8.30 3.20
C LEU A 67 -0.11 -7.01 2.71
N ARG A 68 -1.38 -6.82 3.05
CA ARG A 68 -2.15 -5.65 2.63
C ARG A 68 -2.46 -4.78 3.84
N GLY A 69 -2.60 -3.47 3.59
CA GLY A 69 -2.91 -2.54 4.65
C GLY A 69 -2.21 -1.20 4.51
N HIS A 70 -1.07 -1.17 3.84
CA HIS A 70 -0.40 0.09 3.54
C HIS A 70 -1.15 0.81 2.42
N LEU A 71 -1.25 2.13 2.53
CA LEU A 71 -2.03 2.92 1.60
C LEU A 71 -1.17 3.84 0.73
N ALA A 72 0.14 3.62 0.70
CA ALA A 72 1.04 4.36 -0.17
C ALA A 72 2.25 3.48 -0.47
N LYS A 73 3.21 4.05 -1.20
CA LYS A 73 4.40 3.29 -1.58
C LYS A 73 5.19 2.86 -0.36
N ILE A 74 5.63 1.61 -0.36
CA ILE A 74 6.44 1.06 0.71
C ILE A 74 7.90 1.34 0.39
N TYR A 75 8.59 2.01 1.31
CA TYR A 75 9.97 2.44 1.08
C TYR A 75 11.00 1.55 1.74
N ALA A 76 10.68 0.92 2.87
CA ALA A 76 11.66 0.10 3.57
C ALA A 76 10.96 -1.04 4.29
N MET A 77 11.75 -2.05 4.61
CA MET A 77 11.30 -3.23 5.35
C MET A 77 12.49 -3.86 6.03
N HIS A 78 12.22 -4.60 7.10
CA HIS A 78 13.27 -5.31 7.82
C HIS A 78 12.68 -6.53 8.51
N TRP A 79 13.47 -7.61 8.55
CA TRP A 79 13.05 -8.85 9.18
C TRP A 79 13.51 -8.89 10.62
N GLY A 80 12.68 -9.48 11.48
CA GLY A 80 13.13 -9.75 12.84
C GLY A 80 14.14 -10.86 12.89
N THR A 81 14.89 -10.91 13.99
CA THR A 81 15.88 -11.96 14.14
C THR A 81 15.26 -13.33 14.39
N ASP A 82 13.98 -13.39 14.72
CA ASP A 82 13.27 -14.65 14.87
C ASP A 82 12.70 -15.17 13.56
N SER A 83 12.87 -14.42 12.47
CA SER A 83 12.47 -14.81 11.11
C SER A 83 10.96 -14.98 10.99
N ARG A 84 10.20 -14.34 11.85
CA ARG A 84 8.75 -14.42 11.80
C ARG A 84 8.07 -13.05 11.80
N LEU A 85 8.60 -12.10 12.55
CA LEU A 85 8.07 -10.75 12.60
C LEU A 85 8.79 -9.87 11.59
N LEU A 86 8.08 -8.86 11.09
CA LEU A 86 8.59 -8.03 10.01
C LEU A 86 8.00 -6.64 10.13
N VAL A 87 8.85 -5.62 10.00
CA VAL A 87 8.42 -4.23 10.08
C VAL A 87 8.54 -3.62 8.69
N SER A 88 7.59 -2.75 8.35
CA SER A 88 7.61 -2.05 7.08
C SER A 88 7.17 -0.60 7.30
N ALA A 89 7.67 0.27 6.43
CA ALA A 89 7.35 1.69 6.47
C ALA A 89 6.81 2.13 5.11
N SER A 90 5.86 3.05 5.13
CA SER A 90 5.28 3.57 3.91
C SER A 90 5.13 5.07 4.04
N GLN A 91 4.63 5.71 2.97
CA GLN A 91 4.48 7.15 2.92
C GLN A 91 3.17 7.63 3.53
N ASP A 92 2.37 6.74 4.11
CA ASP A 92 1.27 7.16 4.95
C ASP A 92 1.78 7.89 6.18
N GLY A 93 2.89 7.44 6.73
CA GLY A 93 3.37 7.92 8.01
C GLY A 93 3.04 6.91 9.10
N LYS A 94 3.12 5.63 8.75
CA LYS A 94 2.77 4.57 9.68
C LYS A 94 3.72 3.40 9.52
N LEU A 95 4.15 2.85 10.66
CA LEU A 95 4.96 1.63 10.70
C LEU A 95 4.07 0.47 11.12
N ILE A 96 4.06 -0.59 10.32
CA ILE A 96 3.25 -1.77 10.61
C ILE A 96 4.20 -2.93 10.87
N ILE A 97 3.95 -3.65 11.97
CA ILE A 97 4.66 -4.89 12.28
C ILE A 97 3.75 -6.05 11.91
N TRP A 98 4.26 -6.94 11.07
CA TRP A 98 3.47 -8.04 10.53
C TRP A 98 3.91 -9.36 11.17
N ASP A 99 2.93 -10.23 11.40
CA ASP A 99 3.19 -11.64 11.65
C ASP A 99 3.21 -12.33 10.29
N SER A 100 4.39 -12.71 9.84
CA SER A 100 4.54 -13.24 8.48
C SER A 100 4.01 -14.65 8.32
N TYR A 101 3.52 -15.28 9.39
CA TYR A 101 2.93 -16.61 9.31
C TYR A 101 1.41 -16.56 9.17
N THR A 102 0.75 -15.69 9.93
CA THR A 102 -0.70 -15.59 9.95
C THR A 102 -1.20 -14.31 9.31
N THR A 103 -0.33 -13.55 8.65
CA THR A 103 -0.64 -12.24 8.02
C THR A 103 -1.35 -11.31 9.00
N ASN A 104 -0.95 -11.34 10.27
CA ASN A 104 -1.58 -10.54 11.31
C ASN A 104 -0.78 -9.28 11.58
N LYS A 105 -1.47 -8.19 11.83
CA LYS A 105 -0.85 -6.92 12.17
C LYS A 105 -0.66 -6.86 13.68
N VAL A 106 0.60 -6.96 14.12
CA VAL A 106 0.90 -6.91 15.56
C VAL A 106 0.78 -5.48 16.08
N HIS A 107 1.34 -4.52 15.37
CA HIS A 107 1.35 -3.12 15.79
C HIS A 107 1.13 -2.23 14.57
N ALA A 108 0.72 -1.00 14.85
CA ALA A 108 0.60 0.04 13.83
C ALA A 108 1.06 1.34 14.47
N ILE A 109 2.29 1.74 14.16
CA ILE A 109 2.94 2.88 14.82
C ILE A 109 2.79 4.09 13.91
N PRO A 110 2.01 5.11 14.28
CA PRO A 110 1.92 6.32 13.46
C PRO A 110 3.15 7.19 13.65
N LEU A 111 3.64 7.75 12.55
CA LEU A 111 4.85 8.55 12.55
C LEU A 111 4.52 10.03 12.49
N ARG A 112 5.38 10.85 13.11
CA ARG A 112 5.20 12.29 13.09
C ARG A 112 5.36 12.85 11.68
N SER A 113 6.33 12.34 10.93
CA SER A 113 6.57 12.74 9.56
C SER A 113 6.28 11.58 8.62
N SER A 114 5.55 11.86 7.54
CA SER A 114 5.20 10.85 6.55
C SER A 114 6.29 10.64 5.51
N TRP A 115 7.38 11.39 5.57
CA TRP A 115 8.48 11.25 4.62
C TRP A 115 9.57 10.42 5.25
N VAL A 116 9.37 9.11 5.24
CA VAL A 116 10.29 8.16 5.86
C VAL A 116 10.85 7.23 4.78
N MET A 117 12.17 7.10 4.75
CA MET A 117 12.82 6.32 3.72
C MET A 117 13.56 5.10 4.25
N THR A 118 13.56 4.87 5.57
CA THR A 118 14.24 3.71 6.12
C THR A 118 13.53 3.27 7.39
N CYS A 119 13.75 2.00 7.74
CA CYS A 119 13.23 1.41 8.96
C CYS A 119 14.13 0.25 9.35
N ALA A 120 14.21 -0.01 10.65
CA ALA A 120 15.08 -1.07 11.16
C ALA A 120 14.39 -1.78 12.32
N TYR A 121 14.90 -2.96 12.63
CA TYR A 121 14.41 -3.82 13.70
C TYR A 121 15.59 -4.14 14.61
N ALA A 122 15.38 -3.99 15.92
CA ALA A 122 16.45 -4.29 16.86
C ALA A 122 16.71 -5.79 16.91
N PRO A 123 17.99 -6.21 17.03
CA PRO A 123 18.27 -7.64 17.14
C PRO A 123 17.62 -8.30 18.35
N SER A 124 17.47 -7.57 19.45
CA SER A 124 16.75 -8.11 20.60
C SER A 124 15.25 -8.21 20.33
N GLY A 125 14.71 -7.29 19.54
CA GLY A 125 13.30 -7.28 19.20
C GLY A 125 12.47 -6.29 19.97
N ASN A 126 13.05 -5.56 20.92
CA ASN A 126 12.30 -4.62 21.73
C ASN A 126 12.15 -3.25 21.08
N TYR A 127 12.87 -2.97 20.00
CA TYR A 127 12.90 -1.64 19.42
C TYR A 127 12.76 -1.69 17.91
N VAL A 128 12.23 -0.61 17.34
CA VAL A 128 12.27 -0.36 15.90
C VAL A 128 12.74 1.08 15.70
N ALA A 129 13.33 1.34 14.54
CA ALA A 129 13.81 2.66 14.19
C ALA A 129 13.22 3.08 12.86
N CYS A 130 13.17 4.40 12.64
CA CYS A 130 12.69 4.94 11.38
C CYS A 130 13.28 6.32 11.18
N GLY A 131 13.30 6.76 9.92
CA GLY A 131 13.83 8.07 9.60
C GLY A 131 13.60 8.37 8.14
N GLY A 132 13.92 9.60 7.76
CA GLY A 132 13.70 10.04 6.40
C GLY A 132 14.05 11.49 6.16
N LEU A 133 13.15 12.23 5.51
CA LEU A 133 13.40 13.61 5.14
C LEU A 133 13.42 14.57 6.32
N ASP A 134 13.03 14.12 7.51
CA ASP A 134 13.04 14.96 8.69
C ASP A 134 14.42 15.05 9.36
N ASN A 135 15.41 14.34 8.83
CA ASN A 135 16.78 14.33 9.35
C ASN A 135 16.85 13.87 10.80
N ILE A 136 15.94 12.99 11.19
CA ILE A 136 15.85 12.49 12.57
C ILE A 136 15.62 10.99 12.52
N CYS A 137 16.38 10.25 13.33
CA CYS A 137 16.15 8.83 13.53
C CYS A 137 15.35 8.65 14.82
N SER A 138 14.12 8.19 14.68
CA SER A 138 13.23 7.97 15.82
C SER A 138 13.26 6.50 16.22
N ILE A 139 13.36 6.25 17.52
CA ILE A 139 13.44 4.89 18.05
C ILE A 139 12.22 4.66 18.94
N TYR A 140 11.52 3.56 18.70
CA TYR A 140 10.26 3.26 19.35
C TYR A 140 10.39 2.05 20.25
N ASN A 141 9.82 2.15 21.45
CA ASN A 141 9.84 1.05 22.43
C ASN A 141 8.62 0.17 22.19
N LEU A 142 8.85 -1.03 21.66
CA LEU A 142 7.73 -1.93 21.36
C LEU A 142 7.11 -2.50 22.61
N LYS A 143 7.93 -2.84 23.60
CA LYS A 143 7.48 -3.55 24.79
C LYS A 143 7.45 -2.57 25.95
N THR A 144 6.30 -1.93 26.14
CA THR A 144 6.06 -1.03 27.25
C THR A 144 4.99 -1.62 28.15
N ARG A 145 5.03 -1.21 29.42
CA ARG A 145 4.04 -1.68 30.40
C ARG A 145 2.64 -1.17 30.10
N GLU A 146 2.52 -0.04 29.40
CA GLU A 146 1.23 0.57 29.10
C GLU A 146 0.51 -0.11 27.95
N GLY A 147 1.14 -1.06 27.28
CA GLY A 147 0.49 -1.81 26.22
C GLY A 147 0.50 -1.15 24.86
N ASN A 148 1.13 0.00 24.71
CA ASN A 148 1.23 0.71 23.44
C ASN A 148 2.68 0.76 23.00
N VAL A 149 2.92 1.44 21.88
CA VAL A 149 4.26 1.70 21.39
C VAL A 149 4.52 3.20 21.51
N ARG A 150 5.56 3.55 22.26
CA ARG A 150 5.94 4.93 22.48
C ARG A 150 7.34 5.16 21.95
N VAL A 151 7.58 6.39 21.48
CA VAL A 151 8.90 6.74 20.95
C VAL A 151 9.88 6.90 22.11
N SER A 152 11.02 6.22 22.01
CA SER A 152 11.99 6.20 23.09
C SER A 152 12.94 7.40 23.04
N ARG A 153 13.62 7.59 21.91
CA ARG A 153 14.54 8.71 21.75
C ARG A 153 14.51 9.17 20.30
N GLU A 154 14.82 10.45 20.10
CA GLU A 154 14.99 11.04 18.79
C GLU A 154 16.44 11.48 18.64
N LEU A 155 17.11 10.99 17.60
CA LEU A 155 18.52 11.25 17.37
C LEU A 155 18.66 12.36 16.33
N ALA A 156 19.08 13.54 16.77
CA ALA A 156 19.22 14.71 15.91
C ALA A 156 20.69 15.09 15.79
N GLY A 157 21.05 15.64 14.63
CA GLY A 157 22.42 16.02 14.38
C GLY A 157 22.86 15.79 12.94
N HIS A 158 22.03 15.12 12.15
CA HIS A 158 22.31 14.90 10.74
C HIS A 158 21.78 16.07 9.93
N THR A 159 22.65 16.65 9.10
CA THR A 159 22.25 17.80 8.31
C THR A 159 21.30 17.41 7.18
N GLY A 160 21.61 16.34 6.45
CA GLY A 160 20.78 15.87 5.38
C GLY A 160 19.77 14.84 5.84
N TYR A 161 19.04 14.30 4.86
CA TYR A 161 18.04 13.29 5.14
C TYR A 161 18.70 11.98 5.57
N LEU A 162 17.90 11.07 6.11
CA LEU A 162 18.38 9.79 6.60
C LEU A 162 18.09 8.72 5.55
N SER A 163 19.14 8.05 5.06
CA SER A 163 18.96 7.02 4.05
C SER A 163 18.92 5.62 4.62
N CYS A 164 19.63 5.36 5.72
CA CYS A 164 19.67 4.03 6.30
C CYS A 164 19.96 4.15 7.79
N CYS A 165 19.56 3.11 8.53
CA CYS A 165 19.86 3.00 9.95
C CYS A 165 19.83 1.52 10.31
N ARG A 166 20.85 1.07 11.05
CA ARG A 166 20.94 -0.33 11.43
C ARG A 166 21.40 -0.44 12.88
N PHE A 167 20.67 -1.20 13.67
CA PHE A 167 21.04 -1.43 15.07
C PHE A 167 22.24 -2.35 15.17
N LEU A 168 23.15 -2.03 16.09
CA LEU A 168 24.18 -2.97 16.51
C LEU A 168 23.76 -3.74 17.76
N ASP A 169 23.09 -3.08 18.69
CA ASP A 169 22.51 -3.70 19.87
C ASP A 169 21.39 -2.79 20.36
N ASP A 170 20.92 -3.02 21.58
CA ASP A 170 19.82 -2.22 22.12
C ASP A 170 20.22 -0.77 22.41
N ASN A 171 21.50 -0.45 22.40
CA ASN A 171 21.97 0.88 22.75
C ASN A 171 22.76 1.57 21.65
N GLN A 172 23.16 0.86 20.59
CA GLN A 172 24.00 1.42 19.54
C GLN A 172 23.32 1.25 18.19
N ILE A 173 23.26 2.34 17.43
CA ILE A 173 22.72 2.32 16.07
C ILE A 173 23.64 3.16 15.20
N VAL A 174 23.70 2.83 13.92
CA VAL A 174 24.52 3.56 12.95
C VAL A 174 23.60 4.05 11.84
N THR A 175 23.68 5.34 11.54
CA THR A 175 22.82 5.98 10.54
C THR A 175 23.67 6.59 9.44
N SER A 176 23.28 6.34 8.19
CA SER A 176 23.85 7.01 7.04
C SER A 176 22.91 8.11 6.58
N SER A 177 23.49 9.24 6.16
CA SER A 177 22.70 10.42 5.86
C SER A 177 23.06 11.00 4.51
N GLY A 178 22.24 11.95 4.07
CA GLY A 178 22.43 12.68 2.85
C GLY A 178 23.37 13.87 2.96
N ASP A 179 23.97 14.09 4.12
CA ASP A 179 25.05 15.06 4.26
C ASP A 179 26.42 14.42 4.05
N THR A 180 26.48 13.32 3.30
CA THR A 180 27.72 12.61 2.94
C THR A 180 28.48 12.09 4.15
N THR A 181 27.75 11.77 5.24
CA THR A 181 28.37 11.24 6.44
C THR A 181 27.56 10.06 6.97
N CYS A 182 28.25 9.21 7.73
CA CYS A 182 27.64 8.16 8.53
C CYS A 182 28.03 8.40 9.99
N ALA A 183 27.11 8.10 10.90
CA ALA A 183 27.30 8.41 12.29
C ALA A 183 26.93 7.21 13.17
N LEU A 184 27.67 7.06 14.26
CA LEU A 184 27.39 6.06 15.29
C LEU A 184 26.83 6.77 16.51
N TRP A 185 25.68 6.32 16.99
CA TRP A 185 24.96 6.97 18.07
C TRP A 185 24.98 6.13 19.34
N ASP A 186 24.68 6.79 20.45
CA ASP A 186 24.44 6.14 21.73
C ASP A 186 23.06 6.54 22.21
N ILE A 187 22.13 5.59 22.21
CA ILE A 187 20.74 5.89 22.53
C ILE A 187 20.54 6.25 24.00
N GLU A 188 21.33 5.66 24.91
CA GLU A 188 21.20 6.01 26.32
C GLU A 188 21.53 7.47 26.57
N THR A 189 22.56 7.98 25.92
CA THR A 189 22.95 9.39 26.04
C THR A 189 22.28 10.28 25.00
N GLY A 190 21.93 9.73 23.83
CA GLY A 190 21.31 10.52 22.79
C GLY A 190 22.24 11.35 21.95
N GLN A 191 23.55 11.17 22.12
CA GLN A 191 24.54 11.99 21.45
C GLN A 191 25.33 11.17 20.44
N GLN A 192 25.86 11.86 19.44
CA GLN A 192 26.66 11.23 18.39
C GLN A 192 28.03 10.87 18.94
N THR A 193 28.37 9.58 18.90
CA THR A 193 29.65 9.14 19.42
C THR A 193 30.79 9.41 18.43
N THR A 194 30.73 8.78 17.25
CA THR A 194 31.70 8.99 16.20
C THR A 194 31.01 9.47 14.94
N THR A 195 31.81 9.95 13.99
CA THR A 195 31.34 10.35 12.68
C THR A 195 32.28 9.81 11.63
N PHE A 196 31.72 9.31 10.53
CA PHE A 196 32.48 8.67 9.47
C PHE A 196 32.41 9.57 8.23
N THR A 197 33.49 10.28 7.97
CA THR A 197 33.56 11.22 6.85
C THR A 197 34.52 10.70 5.79
N GLY A 198 34.29 11.14 4.55
CA GLY A 198 35.14 10.74 3.44
C GLY A 198 34.37 10.56 2.14
N HIS A 199 33.06 10.37 2.24
CA HIS A 199 32.22 10.23 1.06
C HIS A 199 31.97 11.61 0.43
N THR A 200 31.98 11.64 -0.90
CA THR A 200 31.75 12.87 -1.63
C THR A 200 30.25 13.10 -1.87
N GLY A 201 29.54 12.06 -2.30
CA GLY A 201 28.12 12.15 -2.52
C GLY A 201 27.30 11.64 -1.35
N ASP A 202 25.98 11.75 -1.49
CA ASP A 202 25.08 11.31 -0.43
C ASP A 202 25.16 9.81 -0.25
N VAL A 203 25.27 9.37 1.01
CA VAL A 203 25.30 7.94 1.32
C VAL A 203 23.88 7.40 1.24
N MET A 204 23.69 6.32 0.49
CA MET A 204 22.36 5.79 0.23
C MET A 204 22.10 4.44 0.87
N SER A 205 23.13 3.70 1.25
CA SER A 205 22.95 2.36 1.79
C SER A 205 23.95 2.12 2.90
N LEU A 206 23.76 1.01 3.60
CA LEU A 206 24.57 0.65 4.75
C LEU A 206 24.40 -0.84 5.01
N SER A 207 25.44 -1.47 5.53
CA SER A 207 25.41 -2.90 5.80
C SER A 207 26.37 -3.22 6.92
N LEU A 208 25.84 -3.73 8.04
CA LEU A 208 26.67 -4.12 9.16
C LEU A 208 27.21 -5.52 8.94
N ALA A 209 28.48 -5.73 9.30
CA ALA A 209 29.11 -7.03 9.17
C ALA A 209 28.50 -7.99 10.18
N PRO A 210 28.57 -9.31 9.90
CA PRO A 210 28.10 -10.29 10.90
C PRO A 210 28.81 -10.19 12.24
N ASP A 211 30.10 -9.86 12.24
CA ASP A 211 30.83 -9.67 13.49
C ASP A 211 30.68 -8.27 14.07
N THR A 212 30.03 -7.36 13.33
CA THR A 212 29.60 -6.03 13.78
C THR A 212 30.79 -5.10 13.98
N ARG A 213 32.01 -5.62 13.84
CA ARG A 213 33.20 -4.79 14.03
C ARG A 213 33.44 -3.84 12.86
N LEU A 214 32.90 -4.14 11.69
CA LEU A 214 33.03 -3.28 10.52
C LEU A 214 31.67 -3.09 9.86
N PHE A 215 31.59 -2.10 8.97
CA PHE A 215 30.40 -1.93 8.14
C PHE A 215 30.81 -1.21 6.86
N VAL A 216 29.94 -1.30 5.86
CA VAL A 216 30.22 -0.79 4.53
C VAL A 216 29.07 0.12 4.11
N SER A 217 29.38 1.12 3.28
CA SER A 217 28.39 2.10 2.87
C SER A 217 28.71 2.59 1.46
N GLY A 218 27.74 2.52 0.57
CA GLY A 218 27.87 3.06 -0.76
C GLY A 218 27.16 4.39 -0.88
N ALA A 219 27.68 5.27 -1.73
CA ALA A 219 27.17 6.62 -1.85
C ALA A 219 26.93 6.97 -3.31
N CYS A 220 26.45 8.19 -3.54
CA CYS A 220 26.16 8.69 -4.88
C CYS A 220 27.42 9.07 -5.64
N ASP A 221 28.59 9.06 -5.01
CA ASP A 221 29.85 9.32 -5.70
C ASP A 221 30.43 8.07 -6.36
N ALA A 222 29.60 7.03 -6.55
CA ALA A 222 29.99 5.78 -7.20
C ALA A 222 31.16 5.12 -6.48
N SER A 223 31.15 5.17 -5.15
CA SER A 223 32.19 4.55 -4.34
C SER A 223 31.57 3.91 -3.10
N ALA A 224 32.23 2.88 -2.60
CA ALA A 224 31.84 2.22 -1.37
C ALA A 224 33.05 2.18 -0.45
N LYS A 225 32.85 2.53 0.81
CA LYS A 225 33.93 2.58 1.79
C LYS A 225 33.68 1.58 2.90
N LEU A 226 34.77 0.99 3.38
CA LEU A 226 34.73 0.08 4.51
C LEU A 226 35.24 0.80 5.76
N TRP A 227 34.42 0.80 6.81
CA TRP A 227 34.74 1.52 8.03
C TRP A 227 35.00 0.56 9.17
N ASP A 228 35.77 1.03 10.15
CA ASP A 228 35.98 0.34 11.42
C ASP A 228 35.21 1.11 12.48
N VAL A 229 34.28 0.44 13.16
CA VAL A 229 33.41 1.12 14.11
C VAL A 229 34.20 1.58 15.33
N ARG A 230 35.12 0.74 15.82
CA ARG A 230 35.91 1.11 16.99
C ARG A 230 36.88 2.24 16.68
N GLU A 231 37.63 2.12 15.57
CA GLU A 231 38.60 3.14 15.22
C GLU A 231 37.91 4.42 14.74
N GLY A 232 36.93 4.29 13.86
CA GLY A 232 36.18 5.43 13.37
C GLY A 232 36.65 6.03 12.07
N MET A 233 37.58 5.38 11.37
CA MET A 233 38.12 5.89 10.12
C MET A 233 37.99 4.86 9.02
N CYS A 234 38.05 5.32 7.78
CA CYS A 234 37.89 4.46 6.62
C CYS A 234 39.07 3.50 6.49
N ARG A 235 38.78 2.26 6.11
CA ARG A 235 39.79 1.24 5.89
C ARG A 235 40.14 1.05 4.43
N GLN A 236 39.14 0.79 3.58
CA GLN A 236 39.34 0.59 2.16
C GLN A 236 38.27 1.34 1.39
N THR A 237 38.58 1.69 0.14
CA THR A 237 37.65 2.36 -0.75
C THR A 237 37.58 1.59 -2.05
N PHE A 238 36.37 1.31 -2.51
CA PHE A 238 36.13 0.52 -3.71
C PHE A 238 35.41 1.39 -4.74
N THR A 239 35.99 1.48 -5.93
CA THR A 239 35.45 2.30 -7.01
C THR A 239 35.41 1.47 -8.29
N GLY A 240 34.23 0.92 -8.60
CA GLY A 240 34.07 0.19 -9.84
C GLY A 240 32.80 0.55 -10.60
N HIS A 241 31.90 1.28 -9.96
CA HIS A 241 30.61 1.57 -10.54
C HIS A 241 30.66 2.83 -11.40
N GLU A 242 29.57 3.08 -12.12
CA GLU A 242 29.47 4.24 -12.98
C GLU A 242 28.46 5.28 -12.50
N SER A 243 27.55 4.91 -11.60
CA SER A 243 26.51 5.81 -11.14
C SER A 243 26.34 5.63 -9.64
N ASP A 244 25.24 6.17 -9.12
CA ASP A 244 24.98 6.13 -7.68
C ASP A 244 24.73 4.70 -7.22
N ILE A 245 25.39 4.32 -6.14
CA ILE A 245 25.22 2.99 -5.55
C ILE A 245 24.01 3.04 -4.63
N ASN A 246 22.87 2.54 -5.12
CA ASN A 246 21.62 2.64 -4.38
C ASN A 246 21.52 1.64 -3.24
N ALA A 247 22.11 0.46 -3.39
CA ALA A 247 21.95 -0.61 -2.43
C ALA A 247 23.29 -1.29 -2.16
N ILE A 248 23.42 -1.83 -0.95
CA ILE A 248 24.60 -2.57 -0.56
C ILE A 248 24.17 -3.67 0.40
N CYS A 249 24.90 -4.79 0.37
CA CYS A 249 24.64 -5.93 1.23
C CYS A 249 25.95 -6.64 1.47
N PHE A 250 25.99 -7.42 2.54
CA PHE A 250 27.23 -8.04 3.00
C PHE A 250 27.15 -9.54 2.82
N PHE A 251 28.24 -10.14 2.36
CA PHE A 251 28.28 -11.58 2.18
C PHE A 251 28.18 -12.27 3.53
N PRO A 252 27.53 -13.44 3.61
CA PRO A 252 27.42 -14.13 4.91
C PRO A 252 28.75 -14.48 5.54
N ASN A 253 29.78 -14.76 4.74
CA ASN A 253 31.10 -15.05 5.29
C ASN A 253 31.68 -13.83 5.99
N GLY A 254 31.45 -12.64 5.44
CA GLY A 254 32.02 -11.43 5.98
C GLY A 254 33.28 -10.96 5.30
N ASN A 255 33.68 -11.59 4.20
CA ASN A 255 34.86 -11.21 3.45
C ASN A 255 34.53 -10.63 2.08
N ALA A 256 33.26 -10.28 1.84
CA ALA A 256 32.86 -9.72 0.55
C ALA A 256 31.54 -8.98 0.75
N PHE A 257 31.14 -8.26 -0.29
CA PHE A 257 29.88 -7.53 -0.27
C PHE A 257 29.45 -7.25 -1.71
N ALA A 258 28.17 -6.91 -1.87
CA ALA A 258 27.58 -6.67 -3.17
C ALA A 258 27.00 -5.26 -3.23
N THR A 259 27.16 -4.61 -4.38
CA THR A 259 26.73 -3.24 -4.60
C THR A 259 25.78 -3.19 -5.79
N GLY A 260 24.66 -2.50 -5.63
CA GLY A 260 23.71 -2.35 -6.71
C GLY A 260 23.47 -0.90 -7.07
N SER A 261 23.81 -0.49 -8.29
CA SER A 261 23.85 0.91 -8.65
C SER A 261 22.83 1.21 -9.76
N ASP A 262 22.83 2.47 -10.19
CA ASP A 262 21.90 2.98 -11.18
C ASP A 262 22.30 2.64 -12.62
N ASP A 263 23.47 2.04 -12.83
CA ASP A 263 23.90 1.65 -14.17
C ASP A 263 23.48 0.22 -14.52
N ALA A 264 22.44 -0.29 -13.86
CA ALA A 264 21.88 -1.62 -14.14
C ALA A 264 22.93 -2.72 -13.98
N THR A 265 23.63 -2.72 -12.85
CA THR A 265 24.70 -3.67 -12.64
C THR A 265 24.93 -3.90 -11.16
N CYS A 266 25.02 -5.16 -10.77
CA CYS A 266 25.52 -5.56 -9.46
C CYS A 266 27.00 -5.93 -9.57
N ARG A 267 27.73 -5.71 -8.49
CA ARG A 267 29.15 -6.04 -8.46
C ARG A 267 29.49 -6.69 -7.13
N LEU A 268 30.54 -7.50 -7.13
CA LEU A 268 30.99 -8.20 -5.94
C LEU A 268 32.43 -7.82 -5.66
N PHE A 269 32.65 -7.17 -4.52
CA PHE A 269 33.99 -6.76 -4.10
C PHE A 269 34.47 -7.64 -2.95
N ASP A 270 35.77 -7.88 -2.91
CA ASP A 270 36.38 -8.72 -1.88
C ASP A 270 37.17 -7.84 -0.91
N LEU A 271 37.00 -8.10 0.38
CA LEU A 271 37.67 -7.28 1.39
C LEU A 271 39.16 -7.56 1.45
N ARG A 272 39.54 -8.84 1.46
CA ARG A 272 40.96 -9.19 1.57
C ARG A 272 41.72 -8.88 0.28
N ALA A 273 41.13 -9.24 -0.87
CA ALA A 273 41.79 -8.96 -2.14
C ALA A 273 41.73 -7.48 -2.51
N ASP A 274 40.81 -6.72 -1.90
CA ASP A 274 40.64 -5.28 -2.16
C ASP A 274 40.42 -5.00 -3.64
N GLN A 275 39.59 -5.81 -4.28
CA GLN A 275 39.41 -5.71 -5.73
C GLN A 275 38.05 -6.29 -6.11
N GLU A 276 37.52 -5.79 -7.22
CA GLU A 276 36.28 -6.31 -7.78
C GLU A 276 36.45 -7.76 -8.21
N LEU A 277 35.39 -8.54 -8.04
CA LEU A 277 35.42 -9.96 -8.36
C LEU A 277 34.46 -10.35 -9.48
N MET A 278 33.19 -9.99 -9.38
CA MET A 278 32.21 -10.34 -10.39
C MET A 278 31.35 -9.13 -10.73
N THR A 279 30.85 -9.13 -11.97
CA THR A 279 29.92 -8.12 -12.47
C THR A 279 28.65 -8.82 -12.91
N TYR A 280 27.51 -8.38 -12.41
CA TYR A 280 26.22 -9.03 -12.65
C TYR A 280 25.39 -8.12 -13.56
N SER A 281 25.57 -8.26 -14.87
CA SER A 281 24.94 -7.40 -15.85
C SER A 281 24.29 -8.22 -16.95
N HIS A 282 23.25 -7.65 -17.55
CA HIS A 282 22.63 -8.22 -18.74
C HIS A 282 22.29 -7.08 -19.70
N ASP A 283 22.33 -7.38 -20.99
CA ASP A 283 22.12 -6.37 -22.01
C ASP A 283 20.67 -5.91 -22.10
N ASN A 284 19.71 -6.73 -21.68
CA ASN A 284 18.30 -6.37 -21.74
C ASN A 284 17.81 -5.70 -20.48
N ILE A 285 18.69 -5.43 -19.52
CA ILE A 285 18.34 -4.68 -18.32
C ILE A 285 18.97 -3.29 -18.42
N ILE A 286 18.12 -2.27 -18.37
CA ILE A 286 18.58 -0.89 -18.49
C ILE A 286 18.18 -0.02 -17.32
N CYS A 287 17.39 -0.54 -16.38
CA CYS A 287 16.90 0.25 -15.26
C CYS A 287 17.81 0.08 -14.05
N GLY A 288 17.66 1.00 -13.09
CA GLY A 288 18.47 0.97 -11.89
C GLY A 288 18.12 -0.18 -10.97
N ILE A 289 18.95 -0.34 -9.96
CA ILE A 289 18.78 -1.39 -8.95
C ILE A 289 18.45 -0.72 -7.62
N THR A 290 17.34 -1.13 -7.02
CA THR A 290 16.87 -0.48 -5.80
C THR A 290 17.32 -1.20 -4.53
N SER A 291 17.43 -2.52 -4.57
CA SER A 291 17.76 -3.29 -3.38
C SER A 291 18.51 -4.56 -3.78
N VAL A 292 19.38 -5.04 -2.89
CA VAL A 292 20.08 -6.30 -3.08
C VAL A 292 20.06 -7.06 -1.76
N SER A 293 20.18 -8.39 -1.85
CA SER A 293 20.29 -9.25 -0.69
C SER A 293 20.87 -10.58 -1.13
N PHE A 294 21.58 -11.22 -0.22
CA PHE A 294 22.19 -12.51 -0.47
C PHE A 294 21.28 -13.63 0.05
N SER A 295 21.77 -14.85 0.03
CA SER A 295 21.05 -16.00 0.57
C SER A 295 21.76 -16.49 1.83
N LYS A 296 21.22 -17.56 2.42
CA LYS A 296 21.81 -18.12 3.63
C LYS A 296 23.21 -18.67 3.34
N SER A 297 23.37 -19.36 2.22
CA SER A 297 24.68 -19.90 1.84
C SER A 297 25.51 -18.92 1.01
N GLY A 298 24.93 -17.81 0.58
CA GLY A 298 25.63 -16.87 -0.29
C GLY A 298 25.68 -17.27 -1.74
N ARG A 299 25.07 -18.39 -2.13
CA ARG A 299 25.09 -18.83 -3.51
C ARG A 299 24.14 -18.03 -4.39
N LEU A 300 23.02 -17.59 -3.84
CA LEU A 300 22.07 -16.76 -4.57
C LEU A 300 22.29 -15.30 -4.24
N LEU A 301 21.76 -14.43 -5.11
CA LEU A 301 21.83 -12.99 -4.93
C LEU A 301 20.55 -12.40 -5.48
N LEU A 302 19.64 -12.00 -4.59
CA LEU A 302 18.36 -11.44 -5.00
C LEU A 302 18.47 -9.93 -5.07
N ALA A 303 18.13 -9.37 -6.22
CA ALA A 303 18.27 -7.93 -6.45
C ALA A 303 17.00 -7.41 -7.09
N GLY A 304 16.38 -6.41 -6.47
CA GLY A 304 15.23 -5.76 -7.06
C GLY A 304 15.63 -4.69 -8.05
N TYR A 305 14.73 -4.42 -9.00
CA TYR A 305 14.99 -3.49 -10.08
C TYR A 305 13.83 -2.51 -10.21
N ASP A 306 13.99 -1.55 -11.13
CA ASP A 306 12.92 -0.62 -11.47
C ASP A 306 11.96 -1.16 -12.52
N ASP A 307 12.27 -2.30 -13.14
CA ASP A 307 11.39 -2.91 -14.12
C ASP A 307 10.33 -3.79 -13.49
N PHE A 308 10.01 -3.55 -12.21
CA PHE A 308 8.88 -4.06 -11.43
C PHE A 308 9.08 -5.49 -10.95
N ASN A 309 10.25 -6.10 -11.17
CA ASN A 309 10.46 -7.46 -10.71
C ASN A 309 11.90 -7.66 -10.28
N CYS A 310 12.12 -8.65 -9.42
CA CYS A 310 13.43 -8.97 -8.91
C CYS A 310 14.08 -10.08 -9.74
N ASN A 311 15.40 -10.13 -9.69
CA ASN A 311 16.17 -11.13 -10.40
C ASN A 311 17.00 -11.93 -9.41
N VAL A 312 17.15 -13.22 -9.69
CA VAL A 312 17.99 -14.10 -8.88
C VAL A 312 19.24 -14.39 -9.70
N TRP A 313 20.40 -14.09 -9.13
CA TRP A 313 21.66 -14.24 -9.81
C TRP A 313 22.49 -15.34 -9.15
N ASP A 314 23.09 -16.19 -9.96
CA ASP A 314 24.10 -17.12 -9.47
C ASP A 314 25.33 -16.32 -9.07
N ALA A 315 25.55 -16.17 -7.77
CA ALA A 315 26.61 -15.31 -7.27
C ALA A 315 28.00 -15.80 -7.64
N LEU A 316 28.16 -17.09 -7.94
CA LEU A 316 29.45 -17.62 -8.33
C LEU A 316 29.62 -17.77 -9.84
N LYS A 317 28.52 -17.79 -10.60
CA LYS A 317 28.59 -17.97 -12.04
C LYS A 317 28.09 -16.77 -12.83
N ALA A 318 27.54 -15.75 -12.17
CA ALA A 318 27.06 -14.53 -12.82
C ALA A 318 26.03 -14.81 -13.90
N ASP A 319 25.14 -15.77 -13.62
CA ASP A 319 24.08 -16.14 -14.54
C ASP A 319 22.74 -15.98 -13.84
N ARG A 320 21.74 -15.50 -14.58
CA ARG A 320 20.39 -15.38 -14.02
C ARG A 320 19.82 -16.76 -13.73
N ALA A 321 18.97 -16.82 -12.70
CA ALA A 321 18.38 -18.09 -12.30
C ALA A 321 16.89 -17.99 -12.01
N GLY A 322 16.28 -16.83 -12.10
CA GLY A 322 14.86 -16.70 -11.83
C GLY A 322 14.44 -15.26 -11.86
N VAL A 323 13.13 -15.05 -11.86
CA VAL A 323 12.52 -13.73 -11.84
C VAL A 323 11.37 -13.75 -10.85
N LEU A 324 11.32 -12.77 -9.95
CA LEU A 324 10.24 -12.64 -8.98
C LEU A 324 9.28 -11.58 -9.49
N ALA A 325 8.41 -12.00 -10.42
CA ALA A 325 7.49 -11.08 -11.09
C ALA A 325 6.11 -11.20 -10.46
N GLY A 326 5.85 -10.34 -9.47
CA GLY A 326 4.54 -10.29 -8.86
C GLY A 326 4.11 -8.89 -8.49
N HIS A 327 4.95 -7.91 -8.78
CA HIS A 327 4.69 -6.51 -8.45
C HIS A 327 4.47 -5.72 -9.73
N ASP A 328 3.46 -4.85 -9.72
CA ASP A 328 3.16 -4.00 -10.86
C ASP A 328 3.70 -2.59 -10.71
N ASN A 329 4.58 -2.36 -9.73
CA ASN A 329 5.27 -1.10 -9.57
C ASN A 329 6.69 -1.37 -9.13
N ARG A 330 7.43 -0.29 -8.84
CA ARG A 330 8.85 -0.40 -8.53
C ARG A 330 9.09 -1.15 -7.23
N VAL A 331 9.92 -2.18 -7.30
CA VAL A 331 10.32 -2.93 -6.11
C VAL A 331 11.33 -2.07 -5.34
N SER A 332 10.93 -1.60 -4.17
CA SER A 332 11.73 -0.65 -3.40
C SER A 332 12.58 -1.30 -2.32
N CYS A 333 12.13 -2.40 -1.74
CA CYS A 333 12.84 -3.04 -0.65
C CYS A 333 12.83 -4.55 -0.83
N LEU A 334 13.74 -5.23 -0.14
CA LEU A 334 13.97 -6.65 -0.34
C LEU A 334 14.75 -7.22 0.83
N GLY A 335 14.27 -8.31 1.42
CA GLY A 335 14.93 -8.88 2.59
C GLY A 335 14.79 -10.38 2.62
N VAL A 336 15.77 -11.03 3.23
CA VAL A 336 15.82 -12.48 3.37
C VAL A 336 15.93 -12.81 4.86
N THR A 337 15.17 -13.81 5.30
CA THR A 337 15.13 -14.18 6.71
C THR A 337 16.48 -14.72 7.16
N ASP A 338 16.69 -14.68 8.48
CA ASP A 338 17.95 -15.11 9.07
C ASP A 338 18.15 -16.62 9.01
N ASP A 339 17.11 -17.39 8.73
CA ASP A 339 17.23 -18.82 8.47
C ASP A 339 17.10 -19.17 7.00
N GLY A 340 16.90 -18.16 6.14
CA GLY A 340 16.83 -18.41 4.71
C GLY A 340 15.55 -19.03 4.23
N MET A 341 14.49 -19.01 5.02
CA MET A 341 13.26 -19.69 4.63
C MET A 341 12.50 -18.91 3.56
N ALA A 342 12.43 -17.59 3.68
CA ALA A 342 11.58 -16.80 2.80
C ALA A 342 12.27 -15.51 2.41
N VAL A 343 11.74 -14.90 1.35
CA VAL A 343 12.18 -13.60 0.86
C VAL A 343 10.97 -12.69 0.85
N ALA A 344 11.05 -11.58 1.58
CA ALA A 344 10.00 -10.58 1.57
C ALA A 344 10.39 -9.47 0.60
N THR A 345 9.44 -9.08 -0.23
CA THR A 345 9.68 -8.07 -1.26
C THR A 345 8.58 -7.02 -1.17
N GLY A 346 8.97 -5.77 -0.92
CA GLY A 346 8.03 -4.69 -0.92
C GLY A 346 8.16 -3.85 -2.18
N SER A 347 7.12 -3.07 -2.51
CA SER A 347 7.16 -2.29 -3.73
C SER A 347 6.26 -1.07 -3.57
N TRP A 348 6.27 -0.23 -4.61
CA TRP A 348 5.53 1.02 -4.60
C TRP A 348 4.03 0.84 -4.80
N ASP A 349 3.57 -0.39 -5.03
CA ASP A 349 2.15 -0.69 -5.13
C ASP A 349 1.52 -1.02 -3.79
N SER A 350 2.16 -0.64 -2.67
CA SER A 350 1.64 -0.78 -1.31
C SER A 350 1.39 -2.24 -0.93
N PHE A 351 2.17 -3.15 -1.51
CA PHE A 351 2.04 -4.58 -1.26
C PHE A 351 3.39 -5.16 -0.86
N LEU A 352 3.37 -6.05 0.13
CA LEU A 352 4.54 -6.85 0.49
C LEU A 352 4.23 -8.31 0.23
N LYS A 353 5.17 -9.02 -0.38
CA LYS A 353 4.97 -10.40 -0.77
C LYS A 353 6.08 -11.26 -0.17
N ILE A 354 5.71 -12.38 0.43
CA ILE A 354 6.65 -13.36 0.94
C ILE A 354 6.80 -14.46 -0.10
N TRP A 355 8.04 -14.73 -0.50
CA TRP A 355 8.35 -15.66 -1.57
C TRP A 355 9.10 -16.86 -1.00
N ASN A 356 8.89 -18.02 -1.61
CA ASN A 356 9.50 -19.24 -1.14
C ASN A 356 9.67 -20.24 -2.28
N THR B 5 44.69 28.14 4.43
CA THR B 5 45.26 26.89 3.97
C THR B 5 44.26 25.74 4.08
N ALA B 6 42.99 26.05 3.76
CA ALA B 6 41.95 25.02 3.80
C ALA B 6 42.19 23.95 2.74
N SER B 7 42.62 24.35 1.54
CA SER B 7 42.92 23.38 0.50
C SER B 7 44.13 22.53 0.85
N ILE B 8 45.15 23.15 1.47
CA ILE B 8 46.34 22.41 1.89
C ILE B 8 45.98 21.38 2.96
N ALA B 9 45.17 21.79 3.93
CA ALA B 9 44.72 20.84 4.96
C ALA B 9 43.85 19.74 4.37
N GLN B 10 42.98 20.10 3.42
CA GLN B 10 42.15 19.09 2.76
C GLN B 10 43.00 18.13 1.93
N ALA B 11 44.01 18.65 1.25
CA ALA B 11 44.90 17.79 0.48
C ALA B 11 45.73 16.89 1.38
N ARG B 12 46.17 17.42 2.53
CA ARG B 12 46.92 16.61 3.49
C ARG B 12 46.07 15.50 4.07
N LYS B 13 44.78 15.78 4.31
CA LYS B 13 43.87 14.74 4.82
C LYS B 13 43.68 13.63 3.80
N LEU B 14 43.54 13.99 2.51
CA LEU B 14 43.36 12.98 1.48
C LEU B 14 44.64 12.19 1.23
N VAL B 15 45.79 12.86 1.31
CA VAL B 15 47.07 12.19 1.08
C VAL B 15 47.33 11.16 2.18
N GLU B 16 47.09 11.54 3.44
CA GLU B 16 47.29 10.61 4.55
C GLU B 16 46.29 9.46 4.50
N GLN B 17 45.07 9.72 4.04
CA GLN B 17 44.09 8.66 3.89
C GLN B 17 44.50 7.66 2.81
N LEU B 18 45.07 8.16 1.70
CA LEU B 18 45.48 7.27 0.62
C LEU B 18 46.64 6.38 1.02
N LYS B 19 47.56 6.88 1.85
CA LYS B 19 48.71 6.08 2.28
C LYS B 19 48.28 4.89 3.13
N MET B 20 47.31 5.10 4.03
CA MET B 20 46.85 4.01 4.88
C MET B 20 46.15 2.92 4.08
N GLU B 21 45.33 3.31 3.10
CA GLU B 21 44.64 2.33 2.28
C GLU B 21 45.57 1.62 1.31
N ALA B 22 46.69 2.24 0.94
CA ALA B 22 47.63 1.60 0.04
C ALA B 22 48.44 0.52 0.74
N ASN B 23 48.86 0.77 1.97
CA ASN B 23 49.73 -0.16 2.71
C ASN B 23 48.86 -1.11 3.54
N ILE B 24 48.24 -2.07 2.84
CA ILE B 24 47.46 -3.11 3.47
C ILE B 24 47.91 -4.45 2.94
N ASP B 25 47.62 -5.51 3.70
CA ASP B 25 48.02 -6.86 3.34
C ASP B 25 46.95 -7.46 2.44
N ARG B 26 47.24 -7.54 1.15
CA ARG B 26 46.31 -8.09 0.17
C ARG B 26 46.67 -9.55 -0.14
N ILE B 27 45.67 -10.30 -0.59
CA ILE B 27 45.83 -11.70 -0.95
C ILE B 27 45.55 -11.86 -2.43
N LYS B 28 45.92 -13.02 -2.96
CA LYS B 28 45.65 -13.33 -4.35
C LYS B 28 44.15 -13.53 -4.57
N VAL B 29 43.69 -13.15 -5.77
CA VAL B 29 42.28 -13.33 -6.11
C VAL B 29 41.92 -14.81 -6.17
N SER B 30 42.88 -15.65 -6.56
CA SER B 30 42.64 -17.09 -6.54
C SER B 30 42.35 -17.61 -5.14
N LYS B 31 42.99 -17.03 -4.12
CA LYS B 31 42.64 -17.35 -2.75
C LYS B 31 41.29 -16.73 -2.36
N ALA B 32 40.98 -15.54 -2.85
CA ALA B 32 39.68 -14.93 -2.61
C ALA B 32 38.57 -15.61 -3.41
N ALA B 33 38.91 -16.23 -4.55
CA ALA B 33 37.92 -16.98 -5.30
C ALA B 33 37.63 -18.34 -4.66
N ALA B 34 38.65 -18.97 -4.07
CA ALA B 34 38.45 -20.29 -3.47
C ALA B 34 37.70 -20.20 -2.16
N ASP B 35 37.92 -19.13 -1.38
CA ASP B 35 37.26 -19.00 -0.09
C ASP B 35 35.75 -18.81 -0.26
N LEU B 36 35.34 -18.05 -1.26
CA LEU B 36 33.90 -17.87 -1.51
C LEU B 36 33.26 -19.16 -2.00
N MET B 37 33.96 -19.91 -2.84
CA MET B 37 33.43 -21.17 -3.33
C MET B 37 33.40 -22.24 -2.23
N ALA B 38 34.37 -22.21 -1.32
CA ALA B 38 34.37 -23.17 -0.22
C ALA B 38 33.27 -22.88 0.78
N TYR B 39 32.89 -21.60 0.94
CA TYR B 39 31.80 -21.27 1.85
C TYR B 39 30.46 -21.71 1.30
N CYS B 40 30.21 -21.44 0.01
CA CYS B 40 28.94 -21.79 -0.60
C CYS B 40 28.78 -23.30 -0.77
N GLU B 41 29.86 -24.04 -0.89
CA GLU B 41 29.78 -25.50 -0.99
C GLU B 41 29.52 -26.12 0.39
N ALA B 42 30.11 -25.56 1.44
CA ALA B 42 29.95 -26.10 2.78
C ALA B 42 28.59 -25.80 3.39
N HIS B 43 27.82 -24.88 2.81
CA HIS B 43 26.53 -24.49 3.34
C HIS B 43 25.40 -24.73 2.33
N ALA B 44 25.60 -25.64 1.39
CA ALA B 44 24.59 -25.89 0.36
C ALA B 44 23.31 -26.47 0.94
N LYS B 45 23.45 -27.42 1.87
CA LYS B 45 22.27 -28.03 2.48
C LYS B 45 21.54 -27.06 3.41
N GLU B 46 22.25 -26.09 3.96
CA GLU B 46 21.65 -25.11 4.86
C GLU B 46 20.79 -24.08 4.13
N ASP B 47 20.83 -24.04 2.80
CA ASP B 47 20.11 -23.03 2.04
C ASP B 47 18.76 -23.57 1.62
N PRO B 48 17.64 -23.05 2.13
CA PRO B 48 16.33 -23.54 1.71
C PRO B 48 15.89 -22.96 0.38
N LEU B 49 16.41 -21.78 0.02
CA LEU B 49 16.07 -21.20 -1.27
C LEU B 49 16.81 -21.89 -2.41
N LEU B 50 18.00 -22.40 -2.15
CA LEU B 50 18.76 -23.10 -3.18
C LEU B 50 18.27 -24.53 -3.34
N THR B 51 18.40 -25.34 -2.29
CA THR B 51 17.89 -26.71 -2.29
C THR B 51 16.45 -26.73 -1.81
N PRO B 52 15.54 -27.36 -2.55
CA PRO B 52 14.13 -27.33 -2.15
C PRO B 52 13.89 -27.99 -0.81
N VAL B 53 12.94 -27.46 -0.06
CA VAL B 53 12.59 -27.98 1.26
C VAL B 53 11.26 -28.69 1.15
N PRO B 54 11.07 -29.82 1.83
CA PRO B 54 9.75 -30.47 1.83
C PRO B 54 8.69 -29.58 2.46
N ALA B 55 7.45 -29.73 1.99
CA ALA B 55 6.36 -28.87 2.43
C ALA B 55 5.99 -29.08 3.89
N SER B 56 6.40 -30.20 4.49
CA SER B 56 6.10 -30.43 5.90
C SER B 56 6.85 -29.43 6.78
N GLU B 57 8.13 -29.23 6.53
CA GLU B 57 8.91 -28.23 7.23
C GLU B 57 8.94 -26.90 6.49
N ASN B 58 7.75 -26.42 6.11
CA ASN B 58 7.60 -25.14 5.41
C ASN B 58 6.71 -24.22 6.23
N PRO B 59 7.28 -23.24 6.93
CA PRO B 59 6.45 -22.33 7.73
C PRO B 59 5.46 -21.52 6.92
N PHE B 60 5.77 -21.20 5.67
CA PHE B 60 4.91 -20.39 4.81
C PHE B 60 4.23 -21.33 3.82
N ARG B 61 2.91 -21.35 3.84
CA ARG B 61 2.14 -22.25 2.98
C ARG B 61 0.74 -21.72 2.73
N SER C 158 -54.29 -21.50 -26.13
CA SER C 158 -53.27 -21.88 -27.11
C SER C 158 -52.56 -20.65 -27.68
N ILE C 159 -51.36 -20.86 -28.22
CA ILE C 159 -50.60 -19.75 -28.80
C ILE C 159 -51.30 -19.25 -30.06
N ALA C 160 -51.79 -20.15 -30.90
CA ALA C 160 -52.51 -19.74 -32.10
C ALA C 160 -53.81 -19.01 -31.79
N PHE C 161 -54.37 -19.23 -30.59
CA PHE C 161 -55.56 -18.49 -30.18
C PHE C 161 -55.26 -17.02 -30.00
N PHE C 162 -54.12 -16.70 -29.37
CA PHE C 162 -53.77 -15.30 -29.15
C PHE C 162 -53.35 -14.62 -30.45
N TYR C 163 -52.65 -15.35 -31.32
CA TYR C 163 -52.11 -14.76 -32.54
C TYR C 163 -53.19 -14.48 -33.57
N ASN C 164 -54.37 -15.10 -33.44
CA ASN C 164 -55.43 -14.89 -34.42
C ASN C 164 -55.98 -13.48 -34.34
N ARG C 165 -56.31 -13.01 -33.13
CA ARG C 165 -56.90 -11.70 -32.98
C ARG C 165 -55.87 -10.58 -33.03
N SER C 166 -54.58 -10.90 -32.91
CA SER C 166 -53.54 -9.89 -33.05
C SER C 166 -53.17 -9.64 -34.50
N GLY C 167 -53.70 -10.41 -35.45
CA GLY C 167 -53.39 -10.24 -36.85
C GLY C 167 -52.07 -10.82 -37.29
N LYS C 168 -51.35 -11.51 -36.40
CA LYS C 168 -50.05 -12.06 -36.74
C LYS C 168 -50.23 -13.31 -37.59
N HIS C 169 -49.10 -13.91 -37.98
CA HIS C 169 -49.08 -15.10 -38.82
C HIS C 169 -48.25 -16.18 -38.15
N LEU C 170 -48.79 -17.39 -38.07
CA LEU C 170 -48.07 -18.53 -37.54
C LEU C 170 -47.51 -19.33 -38.71
N ALA C 171 -46.20 -19.24 -38.90
CA ALA C 171 -45.56 -19.88 -40.05
C ALA C 171 -45.50 -21.38 -39.86
N THR C 172 -45.89 -22.12 -40.90
CA THR C 172 -45.82 -23.58 -40.89
C THR C 172 -44.56 -24.11 -41.54
N GLU C 173 -44.04 -23.42 -42.57
CA GLU C 173 -42.82 -23.81 -43.25
C GLU C 173 -41.95 -22.57 -43.42
N TRP C 174 -40.64 -22.80 -43.53
CA TRP C 174 -39.71 -21.69 -43.73
C TRP C 174 -39.99 -20.98 -45.05
N ASN C 175 -40.13 -19.66 -44.98
CA ASN C 175 -40.40 -18.83 -46.13
C ASN C 175 -39.13 -18.10 -46.54
N THR C 176 -39.19 -17.43 -47.70
CA THR C 176 -38.02 -16.70 -48.20
C THR C 176 -37.67 -15.53 -47.28
N VAL C 177 -38.68 -14.81 -46.79
CA VAL C 177 -38.42 -13.75 -45.83
C VAL C 177 -38.02 -14.35 -44.48
N SER C 178 -38.48 -15.56 -44.18
CA SER C 178 -38.15 -16.19 -42.91
C SER C 178 -36.66 -16.48 -42.79
N LYS C 179 -36.03 -16.94 -43.87
CA LYS C 179 -34.60 -17.22 -43.81
C LYS C 179 -33.76 -15.95 -43.97
N LEU C 180 -34.36 -14.85 -44.45
CA LEU C 180 -33.62 -13.61 -44.55
C LEU C 180 -33.34 -13.03 -43.17
N VAL C 181 -34.34 -13.00 -42.30
CA VAL C 181 -34.12 -12.50 -40.94
C VAL C 181 -33.32 -13.48 -40.11
N MET C 182 -33.23 -14.74 -40.52
CA MET C 182 -32.40 -15.73 -39.84
C MET C 182 -30.98 -15.78 -40.37
N GLY C 183 -30.70 -15.11 -41.50
CA GLY C 183 -29.36 -15.06 -42.04
C GLY C 183 -28.51 -14.04 -41.32
N LEU C 184 -28.92 -12.77 -41.36
CA LEU C 184 -28.24 -11.75 -40.59
C LEU C 184 -28.45 -11.90 -39.09
N GLY C 185 -29.54 -12.56 -38.68
CA GLY C 185 -29.79 -12.74 -37.27
C GLY C 185 -28.78 -13.64 -36.59
N ILE C 186 -28.40 -14.73 -37.26
CA ILE C 186 -27.43 -15.65 -36.68
C ILE C 186 -26.04 -15.03 -36.64
N THR C 187 -25.64 -14.37 -37.73
CA THR C 187 -24.30 -13.80 -37.81
C THR C 187 -24.12 -12.63 -36.84
N VAL C 188 -25.19 -11.87 -36.57
CA VAL C 188 -25.11 -10.79 -35.61
C VAL C 188 -24.81 -11.32 -34.22
N CYS C 189 -25.46 -12.43 -33.84
CA CYS C 189 -25.21 -13.03 -32.53
C CYS C 189 -23.77 -13.48 -32.38
N ILE C 190 -23.21 -14.10 -33.43
CA ILE C 190 -21.85 -14.65 -33.37
C ILE C 190 -20.85 -13.55 -33.04
N PHE C 191 -21.04 -12.35 -33.60
CA PHE C 191 -20.21 -11.22 -33.21
C PHE C 191 -20.48 -10.81 -31.76
N ILE C 192 -21.73 -10.91 -31.30
CA ILE C 192 -22.09 -10.41 -29.98
C ILE C 192 -21.42 -11.22 -28.89
N MET C 193 -21.50 -12.55 -28.96
CA MET C 193 -20.84 -13.36 -27.93
C MET C 193 -19.32 -13.26 -28.05
N LEU C 194 -18.80 -13.24 -29.28
CA LEU C 194 -17.35 -13.24 -29.46
C LEU C 194 -16.72 -11.93 -28.99
N ALA C 195 -17.29 -10.80 -29.39
CA ALA C 195 -16.70 -9.52 -29.03
C ALA C 195 -16.85 -9.23 -27.54
N ASN C 196 -18.00 -9.58 -26.96
CA ASN C 196 -18.22 -9.30 -25.55
C ASN C 196 -17.47 -10.26 -24.63
N LEU C 197 -17.18 -11.49 -25.09
CA LEU C 197 -16.35 -12.38 -24.29
C LEU C 197 -14.92 -11.87 -24.17
N LEU C 198 -14.42 -11.19 -25.22
CA LEU C 198 -13.05 -10.67 -25.17
C LEU C 198 -12.90 -9.59 -24.11
N VAL C 199 -13.95 -8.78 -23.90
CA VAL C 199 -13.84 -7.65 -23.00
C VAL C 199 -13.74 -8.11 -21.55
N MET C 200 -14.56 -9.09 -21.14
CA MET C 200 -14.53 -9.52 -19.76
C MET C 200 -13.38 -10.46 -19.44
N VAL C 201 -12.70 -11.02 -20.44
CA VAL C 201 -11.51 -11.80 -20.16
C VAL C 201 -10.24 -10.95 -20.23
N ALA C 202 -10.25 -9.87 -21.01
CA ALA C 202 -9.11 -8.97 -21.02
C ALA C 202 -9.01 -8.18 -19.73
N ILE C 203 -10.14 -7.88 -19.10
CA ILE C 203 -10.12 -7.20 -17.82
C ILE C 203 -9.60 -8.12 -16.71
N TYR C 204 -10.02 -9.39 -16.73
CA TYR C 204 -9.66 -10.30 -15.64
C TYR C 204 -8.19 -10.66 -15.68
N VAL C 205 -7.66 -11.04 -16.84
CA VAL C 205 -6.29 -11.51 -16.93
C VAL C 205 -5.26 -10.39 -16.85
N ASN C 206 -5.69 -9.14 -16.97
CA ASN C 206 -4.80 -8.00 -16.86
C ASN C 206 -4.99 -7.34 -15.49
N ARG C 207 -3.92 -7.30 -14.70
CA ARG C 207 -4.01 -6.69 -13.38
C ARG C 207 -4.12 -5.17 -13.45
N ARG C 208 -3.75 -4.57 -14.58
CA ARG C 208 -3.83 -3.12 -14.71
C ARG C 208 -5.26 -2.64 -14.87
N PHE C 209 -6.18 -3.54 -15.25
CA PHE C 209 -7.57 -3.18 -15.51
C PHE C 209 -8.48 -3.37 -14.30
N HIS C 210 -7.92 -3.54 -13.09
CA HIS C 210 -8.73 -3.73 -11.89
C HIS C 210 -9.06 -2.36 -11.29
N PHE C 211 -9.91 -1.64 -12.01
CA PHE C 211 -10.31 -0.29 -11.67
C PHE C 211 -11.83 -0.17 -11.72
N PRO C 212 -12.42 0.76 -10.95
CA PRO C 212 -13.89 0.86 -10.92
C PRO C 212 -14.53 1.19 -12.27
N ILE C 213 -13.85 1.96 -13.11
CA ILE C 213 -14.42 2.30 -14.41
C ILE C 213 -14.48 1.05 -15.29
N TYR C 214 -13.51 0.16 -15.17
CA TYR C 214 -13.49 -1.06 -15.96
C TYR C 214 -14.49 -2.09 -15.46
N TYR C 215 -14.91 -2.00 -14.20
CA TYR C 215 -15.92 -2.93 -13.70
C TYR C 215 -17.26 -2.72 -14.38
N LEU C 216 -17.63 -1.46 -14.65
CA LEU C 216 -18.83 -1.19 -15.42
C LEU C 216 -18.67 -1.61 -16.87
N MET C 217 -17.46 -1.53 -17.42
CA MET C 217 -17.22 -2.02 -18.76
C MET C 217 -17.37 -3.53 -18.84
N ALA C 218 -16.89 -4.26 -17.82
CA ALA C 218 -17.09 -5.69 -17.78
C ALA C 218 -18.56 -6.03 -17.55
N ASN C 219 -19.24 -5.26 -16.70
CA ASN C 219 -20.66 -5.47 -16.45
C ASN C 219 -21.48 -5.22 -17.72
N LEU C 220 -21.14 -4.16 -18.46
CA LEU C 220 -21.83 -3.90 -19.72
C LEU C 220 -21.55 -5.01 -20.74
N ALA C 221 -20.32 -5.51 -20.77
CA ALA C 221 -20.00 -6.64 -21.65
C ALA C 221 -20.73 -7.90 -21.24
N ALA C 222 -20.89 -8.13 -19.93
CA ALA C 222 -21.65 -9.28 -19.47
C ALA C 222 -23.13 -9.13 -19.78
N ALA C 223 -23.68 -7.93 -19.62
CA ALA C 223 -25.09 -7.70 -19.94
C ALA C 223 -25.35 -7.80 -21.44
N ASP C 224 -24.39 -7.37 -22.26
CA ASP C 224 -24.53 -7.50 -23.70
C ASP C 224 -24.31 -8.94 -24.16
N PHE C 225 -23.51 -9.70 -23.41
CA PHE C 225 -23.35 -11.13 -23.68
C PHE C 225 -24.65 -11.89 -23.44
N PHE C 226 -25.40 -11.49 -22.41
CA PHE C 226 -26.70 -12.09 -22.16
C PHE C 226 -27.68 -11.79 -23.29
N ALA C 227 -27.61 -10.59 -23.86
CA ALA C 227 -28.51 -10.21 -24.95
C ALA C 227 -28.31 -11.07 -26.19
N GLY C 228 -27.06 -11.40 -26.51
CA GLY C 228 -26.81 -12.30 -27.63
C GLY C 228 -27.29 -13.70 -27.36
N LEU C 229 -27.11 -14.19 -26.13
CA LEU C 229 -27.60 -15.52 -25.77
C LEU C 229 -29.12 -15.59 -25.80
N ALA C 230 -29.78 -14.56 -25.25
CA ALA C 230 -31.24 -14.53 -25.27
C ALA C 230 -31.77 -14.44 -26.69
N TYR C 231 -31.11 -13.64 -27.54
CA TYR C 231 -31.53 -13.55 -28.93
C TYR C 231 -31.24 -14.84 -29.70
N PHE C 232 -30.23 -15.60 -29.26
CA PHE C 232 -29.95 -16.90 -29.88
C PHE C 232 -31.11 -17.87 -29.66
N TYR C 233 -31.69 -17.88 -28.46
CA TYR C 233 -32.82 -18.74 -28.17
C TYR C 233 -34.06 -18.32 -28.97
N LEU C 234 -34.18 -17.03 -29.27
CA LEU C 234 -35.34 -16.54 -30.01
C LEU C 234 -35.32 -17.02 -31.45
N MET C 235 -34.15 -17.07 -32.07
CA MET C 235 -34.05 -17.44 -33.47
C MET C 235 -34.47 -18.89 -33.70
N PHE C 236 -34.09 -19.79 -32.79
CA PHE C 236 -34.45 -21.19 -32.91
C PHE C 236 -35.90 -21.46 -32.53
N ASN C 237 -36.60 -20.50 -31.96
CA ASN C 237 -37.98 -20.66 -31.51
C ASN C 237 -38.88 -19.63 -32.16
N THR C 238 -38.62 -19.31 -33.44
CA THR C 238 -39.45 -18.38 -34.19
C THR C 238 -39.62 -18.92 -35.61
N GLY C 239 -40.64 -18.42 -36.29
CA GLY C 239 -40.96 -18.88 -37.62
C GLY C 239 -41.82 -20.13 -37.59
N PRO C 240 -41.25 -21.27 -37.98
CA PRO C 240 -41.98 -22.53 -37.89
C PRO C 240 -41.92 -23.14 -36.50
N ASN C 241 -40.97 -22.68 -35.69
CA ASN C 241 -40.82 -23.18 -34.33
C ASN C 241 -41.68 -22.43 -33.32
N THR C 242 -42.34 -21.35 -33.72
CA THR C 242 -43.23 -20.63 -32.83
C THR C 242 -44.65 -21.18 -32.83
N ARG C 243 -44.95 -22.14 -33.71
CA ARG C 243 -46.28 -22.73 -33.74
C ARG C 243 -46.52 -23.60 -32.50
N ARG C 244 -45.50 -24.29 -32.02
CA ARG C 244 -45.62 -25.29 -30.97
C ARG C 244 -45.15 -24.76 -29.61
N LEU C 245 -45.39 -23.49 -29.35
CA LEU C 245 -45.08 -22.91 -28.05
C LEU C 245 -46.30 -23.00 -27.13
N THR C 246 -46.06 -22.79 -25.84
CA THR C 246 -47.11 -22.69 -24.84
C THR C 246 -47.06 -21.30 -24.22
N VAL C 247 -48.12 -20.95 -23.50
CA VAL C 247 -48.21 -19.64 -22.87
C VAL C 247 -47.10 -19.46 -21.85
N SER C 248 -46.84 -20.49 -21.05
CA SER C 248 -45.76 -20.41 -20.07
C SER C 248 -44.39 -20.32 -20.75
N THR C 249 -44.22 -21.00 -21.89
CA THR C 249 -42.97 -20.89 -22.63
C THR C 249 -42.87 -19.58 -23.41
N TRP C 250 -44.00 -19.07 -23.91
CA TRP C 250 -43.99 -17.82 -24.65
C TRP C 250 -43.56 -16.66 -23.76
N LEU C 251 -44.06 -16.60 -22.53
CA LEU C 251 -43.73 -15.51 -21.63
C LEU C 251 -42.27 -15.55 -21.19
N LEU C 252 -41.64 -16.72 -21.24
CA LEU C 252 -40.21 -16.80 -20.97
C LEU C 252 -39.39 -16.31 -22.16
N ARG C 253 -39.89 -16.55 -23.38
CA ARG C 253 -39.16 -16.16 -24.58
C ARG C 253 -39.03 -14.64 -24.67
N GLN C 254 -40.16 -13.93 -24.57
CA GLN C 254 -40.12 -12.47 -24.63
C GLN C 254 -39.67 -11.84 -23.32
N GLY C 255 -39.73 -12.58 -22.21
CA GLY C 255 -39.19 -12.08 -20.97
C GLY C 255 -37.68 -12.18 -20.89
N LEU C 256 -37.07 -13.02 -21.71
CA LEU C 256 -35.61 -13.14 -21.73
C LEU C 256 -34.96 -11.98 -22.46
N ILE C 257 -35.59 -11.47 -23.52
CA ILE C 257 -35.04 -10.30 -24.18
C ILE C 257 -35.35 -9.01 -23.43
N ASP C 258 -36.39 -9.00 -22.60
CA ASP C 258 -36.73 -7.80 -21.85
C ASP C 258 -35.70 -7.52 -20.76
N THR C 259 -35.24 -8.55 -20.06
CA THR C 259 -34.26 -8.35 -19.00
C THR C 259 -32.87 -8.07 -19.55
N SER C 260 -32.52 -8.66 -20.68
CA SER C 260 -31.20 -8.42 -21.27
C SER C 260 -31.10 -7.05 -21.91
N LEU C 261 -32.12 -6.63 -22.65
CA LEU C 261 -32.10 -5.33 -23.29
C LEU C 261 -32.30 -4.19 -22.30
N THR C 262 -32.92 -4.45 -21.15
CA THR C 262 -32.97 -3.45 -20.09
C THR C 262 -31.62 -3.33 -19.40
N ALA C 263 -30.92 -4.46 -19.21
CA ALA C 263 -29.61 -4.45 -18.58
C ALA C 263 -28.55 -3.83 -19.47
N SER C 264 -28.79 -3.72 -20.78
CA SER C 264 -27.85 -3.02 -21.64
C SER C 264 -28.05 -1.51 -21.57
N VAL C 265 -29.31 -1.07 -21.60
CA VAL C 265 -29.59 0.37 -21.53
C VAL C 265 -29.25 0.92 -20.16
N ALA C 266 -29.45 0.12 -19.10
CA ALA C 266 -29.16 0.58 -17.75
C ALA C 266 -27.68 0.75 -17.51
N ASN C 267 -26.84 -0.09 -18.10
CA ASN C 267 -25.40 0.05 -17.93
C ASN C 267 -24.87 1.28 -18.66
N LEU C 268 -25.46 1.63 -19.80
CA LEU C 268 -25.02 2.81 -20.53
C LEU C 268 -25.33 4.10 -19.77
N LEU C 269 -26.37 4.07 -18.92
CA LEU C 269 -26.64 5.20 -18.05
C LEU C 269 -25.66 5.26 -16.89
N ALA C 270 -25.20 4.10 -16.41
CA ALA C 270 -24.25 4.08 -15.31
C ALA C 270 -22.88 4.59 -15.72
N ILE C 271 -22.47 4.31 -16.96
CA ILE C 271 -21.21 4.83 -17.46
C ILE C 271 -21.29 6.34 -17.65
N ALA C 272 -22.43 6.84 -18.12
CA ALA C 272 -22.63 8.28 -18.26
C ALA C 272 -22.60 8.97 -16.90
N ILE C 273 -23.16 8.33 -15.88
CA ILE C 273 -23.18 8.92 -14.55
C ILE C 273 -21.78 8.94 -13.93
N GLU C 274 -21.05 7.83 -14.07
CA GLU C 274 -19.71 7.77 -13.48
C GLU C 274 -18.75 8.71 -14.18
N ARG C 275 -18.87 8.88 -15.49
CA ARG C 275 -18.05 9.85 -16.20
C ARG C 275 -18.36 11.28 -15.75
N HIS C 276 -19.64 11.56 -15.48
CA HIS C 276 -20.00 12.87 -14.95
C HIS C 276 -19.49 13.06 -13.53
N ILE C 277 -19.43 11.98 -12.75
CA ILE C 277 -18.93 12.08 -11.38
C ILE C 277 -17.43 12.36 -11.37
N THR C 278 -16.67 11.61 -12.20
CA THR C 278 -15.22 11.74 -12.18
C THR C 278 -14.76 13.09 -12.73
N VAL C 279 -15.40 13.57 -13.80
CA VAL C 279 -14.94 14.80 -14.45
C VAL C 279 -15.11 15.99 -13.54
N PHE C 280 -16.24 16.10 -12.85
CA PHE C 280 -16.52 17.24 -12.00
C PHE C 280 -15.92 17.13 -10.60
N ARG C 281 -15.37 15.98 -10.24
CA ARG C 281 -14.74 15.79 -8.94
C ARG C 281 -13.28 16.18 -9.01
N MET C 282 -12.87 17.07 -8.11
CA MET C 282 -11.50 17.60 -8.12
C MET C 282 -10.58 16.67 -7.32
N GLN C 283 -10.32 15.52 -7.93
CA GLN C 283 -9.42 14.50 -7.40
C GLN C 283 -9.23 13.45 -8.48
N LEU C 284 -8.08 12.78 -8.43
CA LEU C 284 -7.78 11.72 -9.39
C LEU C 284 -8.74 10.55 -9.25
N HIS C 285 -9.08 9.95 -10.39
CA HIS C 285 -9.88 8.72 -10.39
C HIS C 285 -9.12 7.55 -9.79
N THR C 286 -7.79 7.60 -9.78
CA THR C 286 -7.01 6.52 -9.17
C THR C 286 -7.17 6.49 -7.66
N ARG C 287 -7.28 7.66 -7.03
CA ARG C 287 -7.45 7.75 -5.58
C ARG C 287 -8.94 7.82 -5.23
N MET C 288 -9.69 6.88 -5.77
CA MET C 288 -11.14 6.80 -5.59
C MET C 288 -11.50 5.45 -4.97
N SER C 289 -12.61 5.44 -4.23
CA SER C 289 -13.10 4.22 -3.63
C SER C 289 -13.87 3.38 -4.66
N ASN C 290 -14.07 2.11 -4.32
CA ASN C 290 -14.78 1.18 -5.19
C ASN C 290 -16.16 0.82 -4.64
N ARG C 291 -16.67 1.56 -3.67
CA ARG C 291 -17.98 1.26 -3.10
C ARG C 291 -19.12 1.67 -4.02
N ARG C 292 -18.88 2.58 -4.97
CA ARG C 292 -19.94 3.06 -5.85
C ARG C 292 -20.31 2.05 -6.93
N VAL C 293 -19.33 1.35 -7.49
CA VAL C 293 -19.61 0.44 -8.60
C VAL C 293 -20.35 -0.80 -8.12
N VAL C 294 -19.96 -1.35 -6.96
CA VAL C 294 -20.58 -2.58 -6.47
C VAL C 294 -22.04 -2.34 -6.10
N VAL C 295 -22.35 -1.18 -5.52
CA VAL C 295 -23.73 -0.87 -5.17
C VAL C 295 -24.55 -0.45 -6.37
N VAL C 296 -23.93 -0.13 -7.50
CA VAL C 296 -24.66 0.26 -8.70
C VAL C 296 -24.75 -0.88 -9.71
N ILE C 297 -23.91 -1.91 -9.61
CA ILE C 297 -24.04 -3.07 -10.48
C ILE C 297 -25.28 -3.87 -10.11
N VAL C 298 -25.54 -4.03 -8.82
CA VAL C 298 -26.68 -4.83 -8.37
C VAL C 298 -27.99 -4.13 -8.69
N VAL C 299 -28.04 -2.81 -8.55
CA VAL C 299 -29.28 -2.09 -8.86
C VAL C 299 -29.55 -2.07 -10.36
N ILE C 300 -28.51 -2.25 -11.19
CA ILE C 300 -28.73 -2.41 -12.62
C ILE C 300 -29.42 -3.74 -12.89
N TRP C 301 -28.93 -4.81 -12.27
CA TRP C 301 -29.52 -6.13 -12.47
C TRP C 301 -30.86 -6.26 -11.75
N THR C 302 -31.04 -5.57 -10.62
CA THR C 302 -32.32 -5.60 -9.93
C THR C 302 -33.43 -5.05 -10.80
N MET C 303 -33.17 -3.92 -11.46
CA MET C 303 -34.13 -3.38 -12.43
C MET C 303 -34.25 -4.30 -13.64
N ALA C 304 -33.18 -4.98 -14.02
CA ALA C 304 -33.21 -5.84 -15.20
C ALA C 304 -34.13 -7.04 -14.99
N ILE C 305 -33.96 -7.76 -13.88
CA ILE C 305 -34.78 -8.95 -13.64
C ILE C 305 -36.23 -8.56 -13.34
N VAL C 306 -36.43 -7.45 -12.63
CA VAL C 306 -37.77 -6.98 -12.33
C VAL C 306 -38.52 -6.63 -13.61
N MET C 307 -37.85 -5.93 -14.52
CA MET C 307 -38.47 -5.57 -15.79
C MET C 307 -38.80 -6.81 -16.63
N GLY C 308 -37.97 -7.84 -16.56
CA GLY C 308 -38.22 -9.05 -17.32
C GLY C 308 -39.18 -10.03 -16.68
N ALA C 309 -39.56 -9.82 -15.41
CA ALA C 309 -40.46 -10.72 -14.71
C ALA C 309 -41.83 -10.12 -14.44
N ILE C 310 -41.98 -8.80 -14.47
CA ILE C 310 -43.31 -8.20 -14.31
C ILE C 310 -44.29 -8.64 -15.38
N PRO C 311 -43.94 -8.69 -16.68
CA PRO C 311 -44.92 -9.23 -17.65
C PRO C 311 -45.29 -10.69 -17.42
N SER C 312 -44.43 -11.46 -16.74
CA SER C 312 -44.73 -12.87 -16.52
C SER C 312 -45.92 -13.07 -15.60
N VAL C 313 -46.01 -12.28 -14.53
CA VAL C 313 -47.09 -12.42 -13.55
C VAL C 313 -47.88 -11.11 -13.48
N GLY C 314 -49.20 -11.23 -13.51
CA GLY C 314 -50.04 -10.05 -13.36
C GLY C 314 -50.15 -9.15 -14.58
N TRP C 315 -49.06 -8.48 -14.95
CA TRP C 315 -49.09 -7.48 -16.02
C TRP C 315 -48.92 -8.15 -17.38
N ASN C 316 -49.96 -8.89 -17.77
CA ASN C 316 -50.05 -9.45 -19.11
C ASN C 316 -51.52 -9.44 -19.53
N CYS C 317 -51.75 -9.45 -20.83
CA CYS C 317 -53.10 -9.37 -21.37
C CYS C 317 -53.77 -10.73 -21.51
N ILE C 318 -53.14 -11.81 -21.01
CA ILE C 318 -53.78 -13.12 -21.03
C ILE C 318 -54.99 -13.16 -20.11
N CYS C 319 -55.10 -12.22 -19.16
CA CYS C 319 -56.27 -12.15 -18.30
C CYS C 319 -57.29 -11.13 -18.80
N ASP C 320 -56.87 -10.17 -19.62
CA ASP C 320 -57.77 -9.18 -20.21
C ASP C 320 -57.34 -9.00 -21.66
N ILE C 321 -58.11 -9.56 -22.58
CA ILE C 321 -57.71 -9.65 -23.99
C ILE C 321 -58.20 -8.44 -24.77
N GLU C 322 -58.73 -7.44 -24.08
CA GLU C 322 -59.27 -6.27 -24.77
C GLU C 322 -58.17 -5.43 -25.42
N ASN C 323 -57.08 -5.20 -24.69
CA ASN C 323 -55.96 -4.41 -25.17
C ASN C 323 -54.70 -5.27 -25.15
N CYS C 324 -54.40 -5.87 -26.30
CA CYS C 324 -53.18 -6.66 -26.48
C CYS C 324 -52.38 -6.08 -27.63
N SER C 325 -51.06 -6.13 -27.50
CA SER C 325 -50.17 -5.57 -28.52
C SER C 325 -50.24 -6.40 -29.79
N ASN C 326 -50.16 -5.72 -30.93
CA ASN C 326 -50.19 -6.40 -32.22
C ASN C 326 -48.88 -7.08 -32.56
N MET C 327 -47.77 -6.66 -31.95
CA MET C 327 -46.46 -7.26 -32.20
C MET C 327 -46.15 -8.39 -31.23
N ALA C 328 -46.43 -8.19 -29.94
CA ALA C 328 -46.35 -9.27 -28.95
C ALA C 328 -47.75 -9.55 -28.46
N PRO C 329 -48.42 -10.60 -28.94
CA PRO C 329 -49.85 -10.78 -28.65
C PRO C 329 -50.18 -10.97 -27.19
N LEU C 330 -49.30 -11.59 -26.40
CA LEU C 330 -49.57 -11.85 -25.00
C LEU C 330 -49.02 -10.77 -24.07
N TYR C 331 -48.69 -9.59 -24.61
CA TYR C 331 -48.16 -8.48 -23.82
C TYR C 331 -49.15 -7.33 -23.86
N SER C 332 -49.43 -6.75 -22.70
CA SER C 332 -50.35 -5.63 -22.62
C SER C 332 -49.75 -4.40 -23.30
N ASP C 333 -50.61 -3.60 -23.92
CA ASP C 333 -50.15 -2.37 -24.56
C ASP C 333 -49.71 -1.33 -23.54
N SER C 334 -50.17 -1.44 -22.28
CA SER C 334 -49.71 -0.53 -21.24
C SER C 334 -48.29 -0.82 -20.80
N TYR C 335 -47.77 -2.02 -21.09
CA TYR C 335 -46.38 -2.33 -20.80
C TYR C 335 -45.44 -1.92 -21.92
N LEU C 336 -45.90 -2.01 -23.17
CA LEU C 336 -45.09 -1.52 -24.29
C LEU C 336 -44.85 -0.02 -24.18
N VAL C 337 -45.87 0.72 -23.74
CA VAL C 337 -45.70 2.14 -23.48
C VAL C 337 -44.74 2.36 -22.33
N PHE C 338 -44.86 1.57 -21.27
CA PHE C 338 -43.99 1.74 -20.10
C PHE C 338 -42.55 1.40 -20.38
N TRP C 339 -42.27 0.59 -21.40
CA TRP C 339 -40.90 0.31 -21.79
C TRP C 339 -40.36 1.32 -22.79
N ALA C 340 -41.24 2.01 -23.52
CA ALA C 340 -40.79 3.06 -24.43
C ALA C 340 -40.44 4.34 -23.68
N ILE C 341 -41.17 4.65 -22.61
CA ILE C 341 -40.85 5.82 -21.80
C ILE C 341 -39.53 5.63 -21.08
N PHE C 342 -39.22 4.39 -20.66
CA PHE C 342 -38.01 4.13 -19.89
C PHE C 342 -36.75 4.45 -20.70
N ASN C 343 -36.72 4.07 -21.98
CA ASN C 343 -35.57 4.40 -22.81
C ASN C 343 -35.58 5.86 -23.25
N LEU C 344 -36.77 6.43 -23.47
CA LEU C 344 -36.84 7.86 -23.79
C LEU C 344 -36.34 8.70 -22.64
N VAL C 345 -36.59 8.26 -21.39
CA VAL C 345 -36.05 8.95 -20.23
C VAL C 345 -34.54 8.74 -20.15
N THR C 346 -34.07 7.51 -20.36
CA THR C 346 -32.66 7.20 -20.20
C THR C 346 -31.79 7.91 -21.23
N PHE C 347 -32.25 7.98 -22.48
CA PHE C 347 -31.47 8.67 -23.51
C PHE C 347 -31.40 10.17 -23.26
N VAL C 348 -32.50 10.76 -22.78
CA VAL C 348 -32.51 12.19 -22.49
C VAL C 348 -31.56 12.51 -21.35
N VAL C 349 -31.55 11.68 -20.31
CA VAL C 349 -30.62 11.86 -19.19
C VAL C 349 -29.19 11.68 -19.67
N MET C 350 -28.95 10.69 -20.54
CA MET C 350 -27.60 10.49 -21.07
C MET C 350 -27.17 11.65 -21.96
N VAL C 351 -28.10 12.29 -22.66
CA VAL C 351 -27.75 13.44 -23.49
C VAL C 351 -27.37 14.63 -22.62
N VAL C 352 -28.14 14.88 -21.56
CA VAL C 352 -27.88 16.01 -20.68
C VAL C 352 -26.54 15.84 -19.96
N LEU C 353 -26.26 14.62 -19.49
CA LEU C 353 -25.01 14.38 -18.79
C LEU C 353 -23.80 14.54 -19.71
N TYR C 354 -23.90 14.05 -20.95
CA TYR C 354 -22.78 14.14 -21.87
C TYR C 354 -22.62 15.53 -22.47
N ALA C 355 -23.71 16.29 -22.56
CA ALA C 355 -23.61 17.67 -23.03
C ALA C 355 -23.05 18.58 -21.95
N HIS C 356 -23.35 18.31 -20.68
CA HIS C 356 -22.81 19.10 -19.59
C HIS C 356 -21.30 18.92 -19.46
N ILE C 357 -20.80 17.72 -19.74
CA ILE C 357 -19.36 17.49 -19.71
C ILE C 357 -18.66 18.30 -20.80
N PHE C 358 -19.22 18.31 -22.01
CA PHE C 358 -18.64 19.08 -23.09
C PHE C 358 -18.68 20.58 -22.81
N GLY C 359 -19.79 21.05 -22.26
CA GLY C 359 -19.89 22.46 -21.92
C GLY C 359 -18.96 22.88 -20.81
N TYR C 360 -18.71 21.98 -19.85
CA TYR C 360 -17.80 22.29 -18.75
C TYR C 360 -16.36 22.39 -19.23
N VAL C 361 -15.92 21.43 -20.05
CA VAL C 361 -14.56 21.45 -20.58
C VAL C 361 -14.37 22.64 -21.50
N ARG C 362 -15.41 23.02 -22.26
CA ARG C 362 -15.33 24.23 -23.08
C ARG C 362 -15.18 25.47 -22.22
N GLN C 363 -15.90 25.54 -21.10
CA GLN C 363 -15.77 26.69 -20.21
C GLN C 363 -14.37 26.77 -19.61
N ARG C 364 -13.80 25.64 -19.22
CA ARG C 364 -12.48 25.65 -18.59
C ARG C 364 -11.38 25.97 -19.59
N THR C 365 -11.51 25.47 -20.82
CA THR C 365 -10.42 25.61 -21.80
C THR C 365 -10.31 27.04 -22.30
N MET C 366 -11.43 27.70 -22.56
CA MET C 366 -11.41 29.02 -23.20
C MET C 366 -10.92 30.12 -22.28
N ARG C 367 -10.74 29.88 -20.99
CA ARG C 367 -10.22 30.89 -20.08
C ARG C 367 -8.94 30.44 -19.37
N MET C 368 -8.22 29.48 -19.94
CA MET C 368 -7.06 28.93 -19.24
C MET C 368 -5.88 29.89 -19.28
N SER C 369 -5.34 30.12 -20.47
CA SER C 369 -4.18 30.99 -20.68
C SER C 369 -3.90 31.04 -22.17
N ARG C 370 -3.07 31.99 -22.57
CA ARG C 370 -2.47 32.01 -23.90
C ARG C 370 -1.02 31.57 -23.88
N HIS C 371 -0.49 31.20 -22.71
CA HIS C 371 0.92 30.84 -22.56
C HIS C 371 1.14 29.41 -22.11
N SER C 372 0.14 28.75 -21.53
CA SER C 372 0.28 27.35 -21.14
C SER C 372 0.52 26.48 -22.36
N SER C 373 -0.47 26.42 -23.25
CA SER C 373 -0.33 25.67 -24.50
C SER C 373 -0.93 26.40 -25.69
N GLY C 374 -1.43 27.62 -25.51
CA GLY C 374 -2.01 28.38 -26.59
C GLY C 374 -3.30 27.76 -27.09
N PRO C 375 -3.61 28.00 -28.36
CA PRO C 375 -4.78 27.34 -28.99
C PRO C 375 -4.45 26.05 -29.74
N ARG C 376 -3.20 25.59 -29.71
CA ARG C 376 -2.85 24.34 -30.40
C ARG C 376 -3.39 23.14 -29.65
N ARG C 377 -3.27 23.11 -28.33
CA ARG C 377 -3.80 22.01 -27.54
C ARG C 377 -5.28 22.17 -27.23
N ASN C 378 -5.84 23.37 -27.43
CA ASN C 378 -7.27 23.56 -27.21
C ASN C 378 -8.09 22.87 -28.29
N ARG C 379 -7.66 22.95 -29.55
CA ARG C 379 -8.40 22.33 -30.64
C ARG C 379 -8.32 20.81 -30.59
N ASP C 380 -7.17 20.27 -30.14
CA ASP C 380 -6.99 18.82 -30.12
C ASP C 380 -7.93 18.15 -29.13
N THR C 381 -8.14 18.76 -27.97
CA THR C 381 -8.98 18.14 -26.94
C THR C 381 -10.45 18.15 -27.36
N MET C 382 -10.94 19.30 -27.83
CA MET C 382 -12.36 19.40 -28.19
C MET C 382 -12.71 18.52 -29.39
N MET C 383 -11.81 18.42 -30.36
CA MET C 383 -12.06 17.52 -31.49
C MET C 383 -12.07 16.06 -31.04
N SER C 384 -11.25 15.71 -30.05
CA SER C 384 -11.28 14.36 -29.52
C SER C 384 -12.45 14.14 -28.58
N LEU C 385 -12.81 15.16 -27.79
CA LEU C 385 -13.94 15.02 -26.87
C LEU C 385 -15.26 14.93 -27.62
N LEU C 386 -15.45 15.79 -28.61
CA LEU C 386 -16.69 15.75 -29.39
C LEU C 386 -16.80 14.48 -30.21
N LYS C 387 -15.66 13.90 -30.61
CA LYS C 387 -15.69 12.61 -31.31
C LYS C 387 -16.22 11.51 -30.41
N THR C 388 -15.84 11.53 -29.12
CA THR C 388 -16.33 10.52 -28.19
C THR C 388 -17.79 10.74 -27.85
N VAL C 389 -18.21 12.00 -27.69
CA VAL C 389 -19.59 12.30 -27.30
C VAL C 389 -20.56 11.97 -28.43
N VAL C 390 -20.19 12.32 -29.67
CA VAL C 390 -21.07 12.07 -30.80
C VAL C 390 -21.20 10.58 -31.09
N ILE C 391 -20.10 9.84 -30.96
CA ILE C 391 -20.11 8.41 -31.29
C ILE C 391 -21.00 7.64 -30.31
N VAL C 392 -20.89 7.91 -29.01
CA VAL C 392 -21.69 7.16 -28.04
C VAL C 392 -23.17 7.51 -28.17
N LEU C 393 -23.49 8.77 -28.46
CA LEU C 393 -24.87 9.17 -28.63
C LEU C 393 -25.43 8.75 -29.98
N GLY C 394 -24.58 8.70 -31.01
CA GLY C 394 -25.04 8.23 -32.31
C GLY C 394 -25.40 6.75 -32.31
N ALA C 395 -24.68 5.95 -31.51
CA ALA C 395 -24.99 4.53 -31.42
C ALA C 395 -26.36 4.30 -30.81
N PHE C 396 -26.72 5.08 -29.78
CA PHE C 396 -28.00 4.92 -29.12
C PHE C 396 -29.15 5.56 -29.89
N ILE C 397 -28.86 6.42 -30.86
CA ILE C 397 -29.89 7.14 -31.59
C ILE C 397 -30.22 6.53 -32.93
N ILE C 398 -29.40 5.61 -33.44
CA ILE C 398 -29.71 4.90 -34.68
C ILE C 398 -30.04 3.43 -34.44
N CYS C 399 -29.56 2.83 -33.35
CA CYS C 399 -29.85 1.43 -33.05
C CYS C 399 -31.05 1.26 -32.13
N TRP C 400 -31.68 2.35 -31.71
CA TRP C 400 -32.84 2.27 -30.82
C TRP C 400 -34.02 3.11 -31.28
N THR C 401 -33.80 4.19 -32.04
CA THR C 401 -34.92 5.02 -32.48
C THR C 401 -35.89 4.29 -33.42
N PRO C 402 -35.45 3.55 -34.45
CA PRO C 402 -36.44 2.80 -35.24
C PRO C 402 -37.23 1.78 -34.41
N GLY C 403 -36.58 1.11 -33.46
CA GLY C 403 -37.30 0.19 -32.61
C GLY C 403 -38.26 0.88 -31.66
N LEU C 404 -37.85 2.03 -31.12
CA LEU C 404 -38.65 2.70 -30.11
C LEU C 404 -39.92 3.30 -30.71
N VAL C 405 -39.80 4.00 -31.84
CA VAL C 405 -40.96 4.63 -32.44
C VAL C 405 -41.97 3.62 -32.96
N LEU C 406 -41.54 2.38 -33.19
CA LEU C 406 -42.48 1.32 -33.52
C LEU C 406 -43.31 0.93 -32.30
N LEU C 407 -42.71 0.96 -31.11
CA LEU C 407 -43.45 0.64 -29.90
C LEU C 407 -44.57 1.64 -29.62
N LEU C 408 -44.31 2.93 -29.87
CA LEU C 408 -45.39 3.91 -29.78
C LEU C 408 -46.35 3.82 -30.97
N LEU C 409 -45.92 3.21 -32.07
CA LEU C 409 -46.78 2.99 -33.21
C LEU C 409 -47.62 1.72 -33.09
N ASP C 410 -47.48 0.99 -31.98
CA ASP C 410 -48.34 -0.14 -31.69
C ASP C 410 -49.50 0.24 -30.79
N VAL C 411 -49.39 1.33 -30.05
CA VAL C 411 -50.42 1.79 -29.12
C VAL C 411 -50.99 3.10 -29.63
N CYS C 412 -52.32 3.20 -29.63
CA CYS C 412 -53.05 4.37 -30.12
C CYS C 412 -52.70 4.68 -31.57
N CYS C 413 -52.52 3.62 -32.38
CA CYS C 413 -52.29 3.74 -33.81
C CYS C 413 -53.24 2.77 -34.52
N PRO C 414 -54.45 3.22 -34.85
CA PRO C 414 -55.40 2.32 -35.52
C PRO C 414 -55.05 2.15 -36.98
N GLN C 415 -54.92 0.88 -37.40
CA GLN C 415 -54.73 0.49 -38.80
C GLN C 415 -53.47 1.12 -39.40
N CYS C 416 -52.32 0.76 -38.84
CA CYS C 416 -51.03 1.13 -39.39
C CYS C 416 -50.16 -0.11 -39.54
N ASP C 417 -49.33 -0.11 -40.57
CA ASP C 417 -48.47 -1.25 -40.88
C ASP C 417 -47.35 -1.33 -39.85
N VAL C 418 -47.50 -2.24 -38.89
CA VAL C 418 -46.50 -2.42 -37.85
C VAL C 418 -45.89 -3.81 -37.84
N LEU C 419 -46.54 -4.81 -38.44
CA LEU C 419 -46.03 -6.17 -38.41
C LEU C 419 -44.91 -6.41 -39.42
N ALA C 420 -44.79 -5.55 -40.43
CA ALA C 420 -43.74 -5.73 -41.44
C ALA C 420 -42.37 -5.31 -40.90
N TYR C 421 -42.32 -4.24 -40.13
CA TYR C 421 -41.04 -3.69 -39.68
C TYR C 421 -40.49 -4.36 -38.42
N GLU C 422 -41.31 -5.13 -37.71
CA GLU C 422 -40.89 -5.63 -36.40
C GLU C 422 -39.79 -6.68 -36.50
N LYS C 423 -39.66 -7.37 -37.63
CA LYS C 423 -38.68 -8.44 -37.74
C LYS C 423 -37.26 -7.88 -37.83
N PHE C 424 -37.06 -6.83 -38.64
CA PHE C 424 -35.74 -6.26 -38.83
C PHE C 424 -35.37 -5.22 -37.76
N PHE C 425 -36.36 -4.63 -37.09
CA PHE C 425 -36.05 -3.66 -36.05
C PHE C 425 -35.54 -4.30 -34.77
N LEU C 426 -35.73 -5.61 -34.61
CA LEU C 426 -35.06 -6.33 -33.54
C LEU C 426 -33.60 -6.59 -33.87
N LEU C 427 -33.26 -6.67 -35.16
CA LEU C 427 -31.85 -6.76 -35.54
C LEU C 427 -31.10 -5.51 -35.13
N LEU C 428 -31.71 -4.34 -35.33
CA LEU C 428 -31.05 -3.07 -35.02
C LEU C 428 -30.81 -2.93 -33.51
N ALA C 429 -31.80 -3.30 -32.70
CA ALA C 429 -31.68 -3.13 -31.26
C ALA C 429 -30.57 -4.00 -30.68
N GLU C 430 -30.43 -5.23 -31.18
CA GLU C 430 -29.33 -6.09 -30.75
C GLU C 430 -28.02 -5.80 -31.48
N PHE C 431 -28.06 -5.02 -32.56
CA PHE C 431 -26.83 -4.57 -33.19
C PHE C 431 -26.07 -3.61 -32.30
N ASN C 432 -26.76 -2.91 -31.39
CA ASN C 432 -26.07 -2.08 -30.41
C ASN C 432 -25.20 -2.92 -29.50
N SER C 433 -25.68 -4.10 -29.11
CA SER C 433 -24.90 -4.98 -28.25
C SER C 433 -23.64 -5.47 -28.94
N ALA C 434 -23.65 -5.55 -30.27
CA ALA C 434 -22.47 -5.97 -31.00
C ALA C 434 -21.40 -4.88 -31.00
N MET C 435 -21.82 -3.62 -31.18
CA MET C 435 -20.89 -2.51 -31.29
C MET C 435 -20.82 -1.66 -30.03
N ASN C 436 -21.47 -2.07 -28.94
CA ASN C 436 -21.21 -1.42 -27.66
C ASN C 436 -19.79 -1.64 -27.16
N PRO C 437 -19.23 -2.87 -27.15
CA PRO C 437 -17.83 -3.02 -26.74
C PRO C 437 -16.83 -2.38 -27.68
N ILE C 438 -17.21 -2.16 -28.95
CA ILE C 438 -16.30 -1.52 -29.90
C ILE C 438 -16.09 -0.06 -29.53
N ILE C 439 -17.18 0.66 -29.28
CA ILE C 439 -17.08 2.10 -29.04
C ILE C 439 -16.72 2.45 -27.61
N TYR C 440 -16.74 1.48 -26.69
CA TYR C 440 -16.34 1.72 -25.31
C TYR C 440 -14.96 1.17 -25.00
N SER C 441 -14.26 0.61 -25.98
CA SER C 441 -12.92 0.09 -25.76
C SER C 441 -11.95 0.38 -26.91
N TYR C 442 -12.38 1.10 -27.95
CA TYR C 442 -11.46 1.46 -29.02
C TYR C 442 -10.52 2.59 -28.64
N ARG C 443 -10.96 3.46 -27.72
CA ARG C 443 -10.13 4.58 -27.30
C ARG C 443 -8.94 4.12 -26.46
N ASP C 444 -9.14 3.08 -25.65
CA ASP C 444 -8.10 2.64 -24.73
C ASP C 444 -6.99 1.92 -25.48
N LYS C 445 -5.76 2.43 -25.37
CA LYS C 445 -4.62 1.79 -26.00
C LYS C 445 -4.19 0.53 -25.24
N GLU C 446 -4.38 0.51 -23.92
CA GLU C 446 -4.05 -0.69 -23.15
C GLU C 446 -5.02 -1.82 -23.45
N MET C 447 -6.29 -1.50 -23.69
CA MET C 447 -7.27 -2.52 -24.04
C MET C 447 -6.96 -3.13 -25.40
N SER C 448 -6.55 -2.30 -26.37
CA SER C 448 -6.20 -2.81 -27.69
C SER C 448 -4.94 -3.66 -27.65
N ALA C 449 -3.99 -3.32 -26.78
CA ALA C 449 -2.75 -4.08 -26.70
C ALA C 449 -2.97 -5.47 -26.12
N THR C 450 -3.80 -5.58 -25.09
CA THR C 450 -4.07 -6.88 -24.46
C THR C 450 -5.03 -7.74 -25.28
N PHE C 451 -5.67 -7.18 -26.30
CA PHE C 451 -6.52 -8.00 -27.16
C PHE C 451 -5.68 -8.94 -28.02
N ARG C 452 -4.55 -8.45 -28.53
CA ARG C 452 -3.69 -9.27 -29.37
C ARG C 452 -2.91 -10.31 -28.58
N GLN C 453 -2.76 -10.11 -27.27
CA GLN C 453 -2.10 -11.09 -26.43
C GLN C 453 -3.00 -12.27 -26.05
N ILE C 454 -4.28 -12.20 -26.40
CA ILE C 454 -5.21 -13.28 -26.11
C ILE C 454 -5.36 -14.21 -27.31
N LEU C 455 -5.62 -13.65 -28.49
CA LEU C 455 -5.81 -14.44 -29.71
C LEU C 455 -4.52 -14.58 -30.52
N VAL D 5 -7.91 -22.95 14.75
CA VAL D 5 -7.03 -22.07 15.50
C VAL D 5 -7.33 -22.16 17.00
N SER D 6 -6.48 -21.54 17.81
CA SER D 6 -6.63 -21.56 19.25
C SER D 6 -7.31 -20.28 19.73
N ALA D 7 -7.63 -20.25 21.02
CA ALA D 7 -8.33 -19.10 21.59
C ALA D 7 -7.43 -17.88 21.69
N GLU D 8 -6.12 -18.06 21.71
CA GLU D 8 -5.18 -16.95 21.74
C GLU D 8 -4.91 -16.39 20.35
N ASP D 9 -4.83 -17.26 19.35
CA ASP D 9 -4.67 -16.85 17.97
C ASP D 9 -5.96 -16.30 17.36
N LYS D 10 -7.11 -16.71 17.88
CA LYS D 10 -8.37 -16.12 17.44
C LYS D 10 -8.51 -14.69 17.93
N ALA D 11 -8.07 -14.42 19.16
CA ALA D 11 -8.13 -13.07 19.71
C ALA D 11 -7.07 -12.16 19.11
N ALA D 12 -5.93 -12.73 18.69
CA ALA D 12 -4.91 -11.94 18.01
C ALA D 12 -5.41 -11.42 16.67
N ALA D 13 -6.14 -12.26 15.93
CA ALA D 13 -6.72 -11.85 14.65
C ALA D 13 -7.82 -10.82 14.82
N GLU D 14 -8.51 -10.81 15.96
CA GLU D 14 -9.51 -9.78 16.22
C GLU D 14 -8.85 -8.43 16.46
N ARG D 15 -7.69 -8.42 17.11
CA ARG D 15 -6.92 -7.18 17.25
C ARG D 15 -6.39 -6.70 15.91
N SER D 16 -5.95 -7.63 15.06
CA SER D 16 -5.45 -7.27 13.74
C SER D 16 -6.55 -6.64 12.90
N LYS D 17 -7.76 -7.20 12.95
CA LYS D 17 -8.88 -6.66 12.16
C LYS D 17 -9.23 -5.25 12.59
N MET D 18 -9.16 -4.97 13.89
CA MET D 18 -9.44 -3.61 14.37
C MET D 18 -8.40 -2.62 13.88
N ILE D 19 -7.16 -3.07 13.66
CA ILE D 19 -6.12 -2.19 13.14
C ILE D 19 -6.46 -1.76 11.71
N ASP D 20 -6.95 -2.67 10.88
CA ASP D 20 -7.36 -2.30 9.52
C ASP D 20 -8.51 -1.31 9.52
N LYS D 21 -9.38 -1.35 10.53
CA LYS D 21 -10.43 -0.34 10.62
C LYS D 21 -9.83 1.04 10.82
N ASN D 22 -8.86 1.16 11.72
CA ASN D 22 -8.21 2.45 11.96
C ASN D 22 -7.33 2.85 10.79
N LEU D 23 -6.80 1.89 10.04
CA LEU D 23 -5.99 2.20 8.87
C LEU D 23 -6.80 2.80 7.74
N ARG D 24 -8.14 2.68 7.77
CA ARG D 24 -9.00 3.23 6.75
C ARG D 24 -9.77 4.46 7.19
N GLU D 25 -9.90 4.70 8.50
CA GLU D 25 -10.52 5.93 8.97
C GLU D 25 -9.67 7.15 8.60
N ASP D 26 -8.35 7.05 8.80
CA ASP D 26 -7.46 8.15 8.46
C ASP D 26 -6.98 8.10 7.01
N GLY D 27 -6.91 6.91 6.43
CA GLY D 27 -6.54 6.80 5.03
C GLY D 27 -7.57 7.39 4.09
N GLU D 28 -8.86 7.27 4.44
CA GLU D 28 -9.91 7.91 3.66
C GLU D 28 -9.99 9.41 3.92
N LYS D 29 -9.42 9.89 5.03
CA LYS D 29 -9.41 11.31 5.32
C LYS D 29 -8.27 12.04 4.63
N ALA D 30 -7.29 11.33 4.08
CA ALA D 30 -6.16 11.94 3.40
C ALA D 30 -6.28 11.87 1.88
N ARG D 31 -7.35 11.28 1.36
CA ARG D 31 -7.54 11.18 -0.09
C ARG D 31 -8.27 12.39 -0.66
N ARG D 32 -8.73 13.31 0.18
CA ARG D 32 -9.41 14.52 -0.26
C ARG D 32 -8.49 15.73 -0.28
N THR D 33 -7.20 15.55 -0.04
CA THR D 33 -6.25 16.65 -0.02
C THR D 33 -5.28 16.53 -1.17
N LEU D 34 -4.72 17.67 -1.58
CA LEU D 34 -3.79 17.75 -2.69
C LEU D 34 -2.43 18.19 -2.16
N ARG D 35 -1.40 17.45 -2.53
CA ARG D 35 -0.04 17.69 -2.04
C ARG D 35 0.78 18.38 -3.12
N LEU D 36 1.38 19.52 -2.77
CA LEU D 36 2.18 20.31 -3.68
C LEU D 36 3.63 20.33 -3.22
N LEU D 37 4.55 20.45 -4.17
CA LEU D 37 5.97 20.56 -3.90
C LEU D 37 6.45 21.96 -4.28
N LEU D 38 7.11 22.63 -3.35
CA LEU D 38 7.57 23.99 -3.54
C LEU D 38 9.07 24.00 -3.79
N LEU D 39 9.47 24.52 -4.95
CA LEU D 39 10.87 24.56 -5.35
C LEU D 39 11.25 25.98 -5.72
N GLY D 40 12.54 26.24 -5.77
CA GLY D 40 13.05 27.56 -6.08
C GLY D 40 14.38 27.80 -5.38
N ALA D 41 14.83 29.05 -5.45
CA ALA D 41 16.10 29.47 -4.89
C ALA D 41 15.86 30.35 -3.67
N ASP D 42 16.96 30.78 -3.05
CA ASP D 42 16.88 31.57 -1.83
C ASP D 42 16.45 33.01 -2.07
N ASN D 43 16.80 33.57 -3.23
CA ASN D 43 16.48 34.95 -3.56
C ASN D 43 15.14 35.09 -4.28
N SER D 44 14.38 34.00 -4.40
CA SER D 44 13.17 33.99 -5.20
C SER D 44 11.93 34.45 -4.44
N GLY D 45 12.02 34.68 -3.14
CA GLY D 45 10.82 34.91 -2.35
C GLY D 45 9.95 33.68 -2.29
N LYS D 46 10.56 32.51 -2.09
CA LYS D 46 9.86 31.24 -2.22
C LYS D 46 8.77 31.07 -1.17
N SER D 47 9.03 31.51 0.06
CA SER D 47 8.12 31.28 1.19
C SER D 47 7.24 32.48 1.46
N THR D 48 6.84 33.22 0.42
CA THR D 48 5.97 34.38 0.60
C THR D 48 4.88 34.43 -0.48
N ILE D 49 4.77 33.40 -1.32
CA ILE D 49 3.77 33.41 -2.38
C ILE D 49 2.37 33.27 -1.79
N VAL D 50 2.19 32.35 -0.84
CA VAL D 50 0.90 32.11 -0.21
C VAL D 50 0.98 32.63 1.22
N LYS D 51 0.10 33.57 1.55
CA LYS D 51 0.10 34.20 2.87
C LYS D 51 -0.96 33.53 3.76
N GLN D 52 -0.60 32.33 4.24
CA GLN D 52 -1.49 31.57 5.12
C GLN D 52 -0.68 30.69 6.06
N GLY D 68 14.58 19.99 8.35
CA GLY D 68 14.39 18.83 7.50
C GLY D 68 13.45 19.09 6.34
N ILE D 69 12.19 19.40 6.67
CA ILE D 69 11.17 19.70 5.68
C ILE D 69 10.07 20.53 6.33
N PHE D 70 9.68 21.62 5.69
CA PHE D 70 8.62 22.48 6.19
C PHE D 70 7.32 22.19 5.47
N GLU D 71 6.21 22.50 6.13
CA GLU D 71 4.89 22.28 5.56
C GLU D 71 3.98 23.45 5.94
N THR D 72 3.17 23.89 4.99
CA THR D 72 2.15 24.90 5.23
C THR D 72 0.82 24.39 4.70
N LYS D 73 -0.24 24.67 5.43
CA LYS D 73 -1.59 24.24 5.08
C LYS D 73 -2.45 25.44 4.76
N PHE D 74 -3.19 25.37 3.66
CA PHE D 74 -4.15 26.40 3.33
C PHE D 74 -5.32 25.74 2.61
N GLN D 75 -6.48 26.38 2.70
CA GLN D 75 -7.71 25.85 2.12
C GLN D 75 -8.39 26.94 1.33
N VAL D 76 -8.78 26.63 0.10
CA VAL D 76 -9.50 27.56 -0.76
C VAL D 76 -10.63 26.80 -1.45
N ASP D 77 -11.86 27.33 -1.33
CA ASP D 77 -13.07 26.73 -1.90
C ASP D 77 -13.25 25.28 -1.44
N LYS D 78 -13.05 25.07 -0.15
CA LYS D 78 -13.27 23.78 0.52
C LYS D 78 -12.40 22.66 -0.05
N VAL D 79 -11.21 23.02 -0.55
CA VAL D 79 -10.23 22.05 -1.03
C VAL D 79 -8.96 22.24 -0.21
N ASN D 80 -8.45 21.15 0.37
CA ASN D 80 -7.30 21.20 1.24
C ASN D 80 -6.02 21.01 0.43
N PHE D 81 -5.03 21.86 0.68
CA PHE D 81 -3.76 21.84 -0.03
C PHE D 81 -2.62 21.65 0.98
N HIS D 82 -1.69 20.76 0.65
CA HIS D 82 -0.49 20.52 1.46
C HIS D 82 0.71 20.94 0.63
N MET D 83 1.39 22.01 1.06
CA MET D 83 2.59 22.50 0.39
C MET D 83 3.82 22.08 1.18
N PHE D 84 4.75 21.40 0.53
CA PHE D 84 5.92 20.83 1.19
C PHE D 84 7.18 21.47 0.63
N ASP D 85 7.85 22.26 1.47
CA ASP D 85 9.08 22.94 1.09
C ASP D 85 10.22 22.30 1.89
N VAL D 86 11.24 21.83 1.18
CA VAL D 86 12.38 21.20 1.80
C VAL D 86 13.46 22.26 2.02
N GLY D 87 13.79 22.51 3.28
CA GLY D 87 14.78 23.52 3.61
C GLY D 87 14.28 24.94 3.40
N ARG D 93 22.72 15.71 -6.77
CA ARG D 93 21.59 16.57 -7.12
C ARG D 93 20.47 16.45 -6.09
N ARG D 94 19.24 16.33 -6.56
CA ARG D 94 18.06 16.14 -5.72
C ARG D 94 17.68 14.66 -5.78
N LYS D 95 18.35 13.85 -4.95
CA LYS D 95 18.04 12.43 -4.89
C LYS D 95 16.75 12.14 -4.15
N TRP D 96 16.22 13.11 -3.41
CA TRP D 96 14.96 12.95 -2.70
C TRP D 96 13.76 13.40 -3.53
N ILE D 97 13.98 13.81 -4.77
CA ILE D 97 12.88 14.28 -5.60
C ILE D 97 11.98 13.13 -6.06
N GLN D 98 12.46 11.89 -5.97
CA GLN D 98 11.62 10.75 -6.30
C GLN D 98 10.60 10.44 -5.21
N CYS D 99 10.75 11.01 -4.02
CA CYS D 99 9.73 10.87 -2.99
C CYS D 99 8.46 11.60 -3.37
N PHE D 100 8.58 12.73 -4.06
CA PHE D 100 7.44 13.49 -4.54
C PHE D 100 7.02 13.08 -5.94
N ASN D 101 6.83 11.77 -6.13
CA ASN D 101 6.44 11.24 -7.42
C ASN D 101 4.95 11.37 -7.69
N ASP D 102 4.13 11.44 -6.65
CA ASP D 102 2.68 11.44 -6.78
C ASP D 102 2.06 12.76 -6.33
N VAL D 103 2.84 13.84 -6.29
CA VAL D 103 2.29 15.13 -5.92
C VAL D 103 1.37 15.63 -7.03
N THR D 104 0.45 16.53 -6.66
CA THR D 104 -0.48 17.08 -7.63
C THR D 104 0.25 17.98 -8.62
N ALA D 105 1.08 18.89 -8.12
CA ALA D 105 1.79 19.82 -8.98
C ALA D 105 3.08 20.24 -8.30
N ILE D 106 4.00 20.76 -9.10
CA ILE D 106 5.24 21.34 -8.62
C ILE D 106 5.14 22.85 -8.76
N ILE D 107 5.52 23.58 -7.73
CA ILE D 107 5.53 25.03 -7.76
C ILE D 107 6.98 25.49 -7.83
N PHE D 108 7.33 26.15 -8.93
CA PHE D 108 8.68 26.66 -9.15
C PHE D 108 8.62 28.18 -9.12
N VAL D 109 9.38 28.79 -8.21
CA VAL D 109 9.37 30.22 -8.01
C VAL D 109 10.66 30.81 -8.57
N VAL D 110 10.53 31.83 -9.40
CA VAL D 110 11.66 32.47 -10.06
C VAL D 110 11.67 33.94 -9.66
N ASP D 111 12.87 34.45 -9.37
CA ASP D 111 13.07 35.89 -9.19
C ASP D 111 13.43 36.47 -10.54
N SER D 112 12.47 37.12 -11.19
CA SER D 112 12.68 37.69 -12.50
C SER D 112 13.29 39.09 -12.44
N SER D 113 13.52 39.64 -11.25
CA SER D 113 14.08 40.98 -11.15
C SER D 113 15.52 41.02 -11.61
N ASP D 114 16.35 40.10 -11.12
CA ASP D 114 17.76 40.08 -11.46
C ASP D 114 18.02 39.17 -12.66
N TYR D 115 19.02 39.55 -13.47
CA TYR D 115 19.32 38.82 -14.69
C TYR D 115 20.63 38.05 -14.60
N ASN D 116 21.46 38.32 -13.61
CA ASN D 116 22.69 37.56 -13.44
C ASN D 116 22.40 36.11 -13.07
N ARG D 117 21.40 35.89 -12.22
CA ARG D 117 21.02 34.55 -11.80
C ARG D 117 19.84 33.99 -12.59
N LEU D 118 19.39 34.71 -13.63
CA LEU D 118 18.29 34.20 -14.45
C LEU D 118 18.71 33.02 -15.30
N GLN D 119 19.99 32.94 -15.67
CA GLN D 119 20.46 31.82 -16.47
C GLN D 119 20.51 30.53 -15.65
N GLU D 120 20.94 30.62 -14.39
CA GLU D 120 20.96 29.43 -13.55
C GLU D 120 19.55 29.04 -13.10
N ALA D 121 18.60 29.96 -13.13
CA ALA D 121 17.20 29.63 -12.87
C ALA D 121 16.57 28.91 -14.04
N LEU D 122 17.05 29.15 -15.26
CA LEU D 122 16.56 28.43 -16.41
C LEU D 122 17.12 27.01 -16.46
N ASN D 123 18.40 26.84 -16.10
CA ASN D 123 18.95 25.50 -15.93
C ASN D 123 18.37 24.80 -14.71
N ASP D 124 17.92 25.56 -13.71
CA ASP D 124 17.14 24.99 -12.61
C ASP D 124 15.84 24.39 -13.12
N PHE D 125 15.16 25.09 -14.02
CA PHE D 125 13.89 24.62 -14.54
C PHE D 125 14.06 23.47 -15.52
N LYS D 126 15.23 23.36 -16.15
CA LYS D 126 15.45 22.32 -17.15
C LYS D 126 15.57 20.94 -16.51
N SER D 127 16.21 20.84 -15.34
CA SER D 127 16.40 19.55 -14.72
C SER D 127 15.09 18.97 -14.19
N ILE D 128 14.22 19.82 -13.63
CA ILE D 128 12.95 19.35 -13.10
C ILE D 128 12.01 18.95 -14.23
N TRP D 129 11.99 19.73 -15.31
CA TRP D 129 11.09 19.40 -16.42
C TRP D 129 11.49 18.10 -17.09
N ASN D 130 12.80 17.86 -17.25
CA ASN D 130 13.31 16.66 -17.91
C ASN D 130 13.72 15.58 -16.92
N ASN D 131 13.18 15.61 -15.71
CA ASN D 131 13.47 14.58 -14.72
C ASN D 131 12.80 13.27 -15.11
N ARG D 132 13.41 12.16 -14.70
CA ARG D 132 12.87 10.85 -15.05
C ARG D 132 11.64 10.50 -14.22
N TRP D 133 11.55 11.03 -13.01
CA TRP D 133 10.43 10.72 -12.13
C TRP D 133 9.29 11.72 -12.25
N LEU D 134 9.57 12.94 -12.67
CA LEU D 134 8.58 14.01 -12.77
C LEU D 134 8.10 14.21 -14.20
N ARG D 135 8.03 13.13 -14.97
CA ARG D 135 7.61 13.23 -16.37
C ARG D 135 6.13 13.44 -16.52
N THR D 136 5.33 13.11 -15.51
CA THR D 136 3.89 13.30 -15.55
C THR D 136 3.40 14.40 -14.62
N ILE D 137 4.30 15.05 -13.90
CA ILE D 137 3.93 16.09 -12.94
C ILE D 137 3.98 17.44 -13.65
N SER D 138 2.89 18.20 -13.53
CA SER D 138 2.82 19.54 -14.10
C SER D 138 3.46 20.55 -13.15
N VAL D 139 3.83 21.69 -13.70
CA VAL D 139 4.55 22.72 -12.97
C VAL D 139 3.76 24.02 -13.04
N ILE D 140 3.54 24.64 -11.88
CA ILE D 140 2.99 25.99 -11.81
C ILE D 140 4.15 26.94 -11.55
N LEU D 141 4.41 27.82 -12.51
CA LEU D 141 5.58 28.69 -12.46
C LEU D 141 5.16 30.08 -12.01
N PHE D 142 5.78 30.57 -10.93
CA PHE D 142 5.52 31.90 -10.42
C PHE D 142 6.78 32.75 -10.63
N LEU D 143 6.70 33.69 -11.55
CA LEU D 143 7.81 34.62 -11.80
C LEU D 143 7.66 35.76 -10.80
N ASN D 144 8.28 35.58 -9.63
CA ASN D 144 8.06 36.46 -8.49
C ASN D 144 8.77 37.79 -8.69
N LYS D 145 8.38 38.77 -7.87
CA LYS D 145 8.99 40.09 -7.83
C LYS D 145 8.92 40.79 -9.19
N GLN D 146 7.73 40.82 -9.77
CA GLN D 146 7.51 41.56 -11.00
C GLN D 146 7.44 43.06 -10.77
N ASP D 147 7.31 43.50 -9.51
CA ASP D 147 7.30 44.93 -9.23
C ASP D 147 8.68 45.52 -9.46
N LEU D 148 9.73 44.86 -8.97
CA LEU D 148 11.09 45.35 -9.16
C LEU D 148 11.57 45.18 -10.59
N LEU D 149 10.96 44.27 -11.35
CA LEU D 149 11.25 44.17 -12.78
C LEU D 149 10.82 45.45 -13.50
N ALA D 150 9.66 46.00 -13.13
CA ALA D 150 9.17 47.22 -13.76
C ALA D 150 10.09 48.40 -13.46
N GLU D 151 10.59 48.50 -12.23
CA GLU D 151 11.50 49.58 -11.89
C GLU D 151 12.86 49.43 -12.55
N LYS D 152 13.31 48.18 -12.73
CA LYS D 152 14.62 47.94 -13.32
C LYS D 152 14.67 48.24 -14.82
N VAL D 153 13.52 48.21 -15.50
CA VAL D 153 13.48 48.43 -16.94
C VAL D 153 12.92 49.79 -17.31
N LEU D 154 12.18 50.43 -16.41
CA LEU D 154 11.68 51.76 -16.67
C LEU D 154 12.77 52.75 -16.35
N ALA D 155 13.34 52.65 -15.16
CA ALA D 155 14.45 53.52 -14.80
C ALA D 155 15.72 53.02 -15.47
N GLY D 156 15.63 51.89 -16.16
CA GLY D 156 16.77 51.34 -16.87
C GLY D 156 17.99 51.03 -16.02
N LYS D 157 19.18 51.40 -16.50
CA LYS D 157 20.43 51.17 -15.75
C LYS D 157 20.93 49.73 -15.91
N SER D 158 20.22 48.92 -16.66
CA SER D 158 20.64 47.54 -16.90
C SER D 158 20.04 47.06 -18.21
N LYS D 159 20.64 46.06 -18.83
CA LYS D 159 20.17 45.61 -20.13
C LYS D 159 20.14 44.10 -20.23
N ILE D 160 18.95 43.53 -20.33
CA ILE D 160 18.85 42.10 -20.50
C ILE D 160 19.72 41.74 -21.68
N GLU D 161 19.85 42.66 -22.62
CA GLU D 161 20.63 42.35 -23.82
C GLU D 161 22.04 41.90 -23.48
N ASP D 162 22.62 42.45 -22.41
CA ASP D 162 23.95 42.06 -21.97
C ASP D 162 23.99 40.59 -21.56
N TYR D 163 23.01 40.13 -20.79
CA TYR D 163 22.99 38.75 -20.33
C TYR D 163 22.29 37.83 -21.32
N PHE D 164 21.34 38.33 -22.09
CA PHE D 164 20.63 37.55 -23.09
C PHE D 164 20.73 38.26 -24.43
N PRO D 165 21.63 37.82 -25.33
CA PRO D 165 21.81 38.54 -26.60
C PRO D 165 20.60 38.51 -27.50
N GLU D 166 19.66 37.58 -27.31
CA GLU D 166 18.49 37.51 -28.17
C GLU D 166 17.59 38.72 -27.96
N PHE D 167 17.52 39.25 -26.73
CA PHE D 167 16.68 40.41 -26.44
C PHE D 167 17.15 41.67 -27.16
N ALA D 168 18.37 41.69 -27.71
CA ALA D 168 18.81 42.85 -28.47
C ALA D 168 17.92 43.10 -29.68
N ARG D 169 17.52 42.03 -30.34
CA ARG D 169 16.64 42.14 -31.49
C ARG D 169 15.45 41.27 -31.21
N TYR D 170 15.03 41.24 -29.94
CA TYR D 170 13.88 40.42 -29.57
C TYR D 170 12.67 40.93 -30.29
N THR D 171 11.85 40.01 -30.77
CA THR D 171 10.63 40.43 -31.41
C THR D 171 9.86 41.21 -30.38
N THR D 172 9.22 42.29 -30.80
CA THR D 172 8.42 43.05 -29.87
C THR D 172 7.40 42.11 -29.28
N PRO D 173 6.71 42.53 -28.23
CA PRO D 173 5.78 41.54 -27.70
C PRO D 173 4.90 41.05 -28.82
N GLU D 174 4.75 39.74 -28.93
CA GLU D 174 3.93 39.18 -29.98
C GLU D 174 2.54 39.70 -29.77
N ASP D 175 1.80 39.96 -30.83
CA ASP D 175 0.49 40.56 -30.65
C ASP D 175 -0.26 39.71 -29.66
N ALA D 176 -0.70 40.30 -28.55
CA ALA D 176 -1.38 39.54 -27.51
C ALA D 176 -1.96 40.49 -26.48
N THR D 177 -2.68 39.95 -25.51
CA THR D 177 -3.29 40.79 -24.48
C THR D 177 -2.25 41.23 -23.45
N PRO D 178 -2.09 42.55 -23.28
CA PRO D 178 -1.18 43.05 -22.25
C PRO D 178 -1.95 43.49 -21.03
N GLU D 179 -1.27 43.79 -19.93
CA GLU D 179 -1.96 44.30 -18.76
C GLU D 179 -2.14 45.81 -18.89
N PRO D 180 -3.31 46.34 -18.53
CA PRO D 180 -3.54 47.78 -18.66
C PRO D 180 -2.61 48.58 -17.76
N GLY D 181 -2.12 49.70 -18.29
CA GLY D 181 -1.23 50.59 -17.56
C GLY D 181 0.24 50.23 -17.67
N GLU D 182 0.57 49.02 -18.12
CA GLU D 182 1.96 48.63 -18.25
C GLU D 182 2.61 49.31 -19.45
N ASP D 183 3.85 49.75 -19.26
CA ASP D 183 4.59 50.40 -20.33
C ASP D 183 4.93 49.39 -21.43
N PRO D 184 5.09 49.86 -22.66
CA PRO D 184 5.53 48.95 -23.74
C PRO D 184 6.88 48.32 -23.49
N ARG D 185 7.77 49.01 -22.79
CA ARG D 185 9.08 48.44 -22.47
C ARG D 185 8.98 47.36 -21.41
N VAL D 186 8.10 47.54 -20.42
CA VAL D 186 7.93 46.54 -19.38
C VAL D 186 7.29 45.28 -19.94
N THR D 187 6.28 45.43 -20.81
CA THR D 187 5.62 44.28 -21.40
C THR D 187 6.55 43.53 -22.35
N ARG D 188 7.49 44.24 -22.98
CA ARG D 188 8.49 43.58 -23.80
C ARG D 188 9.40 42.70 -22.96
N ALA D 189 9.78 43.17 -21.77
CA ALA D 189 10.66 42.39 -20.89
C ALA D 189 9.91 41.24 -20.25
N LYS D 190 8.66 41.46 -19.83
CA LYS D 190 7.88 40.42 -19.18
C LYS D 190 7.60 39.26 -20.13
N TYR D 191 7.27 39.58 -21.39
CA TYR D 191 6.99 38.52 -22.36
C TYR D 191 8.24 37.75 -22.76
N PHE D 192 9.41 38.40 -22.67
CA PHE D 192 10.66 37.73 -23.03
C PHE D 192 11.04 36.68 -22.01
N ILE D 193 10.98 37.02 -20.73
CA ILE D 193 11.36 36.09 -19.67
C ILE D 193 10.37 34.93 -19.61
N ARG D 194 9.08 35.21 -19.75
CA ARG D 194 8.07 34.15 -19.75
C ARG D 194 8.24 33.22 -20.93
N LYS D 195 8.80 33.71 -22.03
CA LYS D 195 8.97 32.87 -23.22
C LYS D 195 10.11 31.87 -23.06
N GLU D 196 11.13 32.21 -22.26
CA GLU D 196 12.23 31.28 -22.04
C GLU D 196 11.78 30.02 -21.31
N PHE D 197 10.93 30.18 -20.30
CA PHE D 197 10.50 29.03 -19.51
C PHE D 197 9.49 28.16 -20.24
N VAL D 198 8.70 28.74 -21.16
CA VAL D 198 7.79 27.93 -21.95
C VAL D 198 8.49 27.31 -23.16
N ASP D 199 9.65 27.83 -23.55
CA ASP D 199 10.43 27.19 -24.60
C ASP D 199 11.00 25.86 -24.13
N ILE D 200 11.45 25.80 -22.88
CA ILE D 200 11.90 24.54 -22.30
C ILE D 200 10.73 23.59 -22.13
N SER D 201 9.58 24.10 -21.70
CA SER D 201 8.45 23.24 -21.36
C SER D 201 7.82 22.63 -22.59
N THR D 202 7.73 23.37 -23.69
CA THR D 202 7.13 22.87 -24.91
C THR D 202 8.10 22.06 -25.77
N ALA D 203 9.40 22.10 -25.47
CA ALA D 203 10.37 21.34 -26.25
C ALA D 203 10.18 19.84 -26.08
N SER D 204 9.87 19.40 -24.85
CA SER D 204 9.70 17.98 -24.58
C SER D 204 8.43 17.74 -23.78
N GLY D 205 8.25 16.51 -23.29
CA GLY D 205 7.11 16.12 -22.50
C GLY D 205 6.02 15.41 -23.26
N ASP D 206 5.84 15.76 -24.54
CA ASP D 206 4.84 15.15 -25.42
C ASP D 206 3.43 15.27 -24.85
N GLY D 207 3.15 16.40 -24.21
CA GLY D 207 1.81 16.69 -23.73
C GLY D 207 1.41 15.99 -22.45
N ARG D 208 2.33 15.27 -21.80
CA ARG D 208 1.99 14.59 -20.56
C ARG D 208 1.88 15.54 -19.38
N HIS D 209 2.50 16.72 -19.46
CA HIS D 209 2.44 17.69 -18.38
C HIS D 209 2.63 19.09 -18.95
N ILE D 210 1.99 20.06 -18.31
CA ILE D 210 1.90 21.43 -18.83
C ILE D 210 2.47 22.38 -17.77
N CYS D 211 3.18 23.41 -18.23
CA CYS D 211 3.68 24.47 -17.36
C CYS D 211 2.72 25.64 -17.41
N TYR D 212 2.39 26.19 -16.24
CA TYR D 212 1.46 27.31 -16.13
C TYR D 212 2.21 28.52 -15.60
N PRO D 213 2.60 29.47 -16.44
CA PRO D 213 3.39 30.61 -15.95
C PRO D 213 2.54 31.76 -15.45
N HIS D 214 2.93 32.32 -14.30
CA HIS D 214 2.23 33.43 -13.68
C HIS D 214 3.24 34.52 -13.32
N PHE D 215 2.72 35.72 -13.04
CA PHE D 215 3.53 36.87 -12.68
C PHE D 215 3.01 37.44 -11.37
N THR D 216 3.78 37.26 -10.30
CA THR D 216 3.35 37.61 -8.95
C THR D 216 4.13 38.81 -8.45
N CYS D 217 3.89 39.16 -7.18
CA CYS D 217 4.61 40.22 -6.50
C CYS D 217 4.72 39.85 -5.03
N ALA D 218 5.34 40.72 -4.24
CA ALA D 218 5.46 40.50 -2.81
C ALA D 218 4.22 40.91 -2.03
N VAL D 219 3.30 41.65 -2.66
CA VAL D 219 2.09 42.12 -2.01
C VAL D 219 0.87 41.59 -2.77
N ASP D 220 1.01 40.40 -3.35
CA ASP D 220 -0.07 39.78 -4.11
C ASP D 220 -0.76 38.75 -3.24
N THR D 221 -2.07 38.90 -3.06
CA THR D 221 -2.85 38.00 -2.23
C THR D 221 -3.64 36.97 -3.04
N GLU D 222 -3.50 36.98 -4.37
CA GLU D 222 -4.31 36.14 -5.24
C GLU D 222 -3.63 34.83 -5.61
N ASN D 223 -2.46 34.53 -5.05
CA ASN D 223 -1.73 33.33 -5.44
C ASN D 223 -2.36 32.05 -4.92
N ALA D 224 -3.28 32.13 -3.95
CA ALA D 224 -4.00 30.94 -3.51
C ALA D 224 -5.07 30.55 -4.51
N ARG D 225 -5.74 31.53 -5.11
CA ARG D 225 -6.71 31.25 -6.16
C ARG D 225 -6.04 30.68 -7.40
N ARG D 226 -4.86 31.19 -7.75
CA ARG D 226 -4.17 30.75 -8.97
C ARG D 226 -3.68 29.32 -8.85
N ILE D 227 -3.25 28.90 -7.66
CA ILE D 227 -2.90 27.50 -7.45
C ILE D 227 -4.14 26.62 -7.52
N PHE D 228 -5.26 27.10 -6.98
CA PHE D 228 -6.51 26.36 -7.02
C PHE D 228 -6.99 26.16 -8.45
N ASN D 229 -6.94 27.21 -9.27
CA ASN D 229 -7.42 27.11 -10.63
C ASN D 229 -6.50 26.27 -11.51
N ASP D 230 -5.19 26.33 -11.27
CA ASP D 230 -4.26 25.55 -12.06
C ASP D 230 -4.31 24.06 -11.70
N CYS D 231 -4.50 23.73 -10.43
CA CYS D 231 -4.64 22.34 -10.03
C CYS D 231 -5.97 21.76 -10.47
N LYS D 232 -7.01 22.59 -10.54
CA LYS D 232 -8.30 22.13 -11.06
C LYS D 232 -8.19 21.72 -12.52
N ASP D 233 -7.46 22.50 -13.32
CA ASP D 233 -7.21 22.13 -14.70
C ASP D 233 -6.17 21.02 -14.82
N ILE D 234 -5.26 20.91 -13.86
CA ILE D 234 -4.28 19.81 -13.90
C ILE D 234 -4.98 18.47 -13.74
N ILE D 235 -5.90 18.38 -12.76
CA ILE D 235 -6.61 17.14 -12.52
C ILE D 235 -7.58 16.84 -13.66
N LEU D 236 -8.20 17.88 -14.22
CA LEU D 236 -9.24 17.69 -15.23
C LEU D 236 -8.70 17.00 -16.47
N GLN D 237 -7.53 17.43 -16.96
CA GLN D 237 -7.01 16.88 -18.20
C GLN D 237 -6.29 15.55 -18.04
N MET D 238 -6.12 15.04 -16.83
CA MET D 238 -5.68 13.67 -16.67
C MET D 238 -6.80 12.74 -16.22
N ASN D 239 -7.87 13.29 -15.66
CA ASN D 239 -9.11 12.52 -15.51
C ASN D 239 -9.70 12.18 -16.87
N LEU D 240 -9.68 13.13 -17.81
CA LEU D 240 -10.17 12.89 -19.16
C LEU D 240 -9.26 11.97 -19.95
N ARG D 241 -7.99 11.86 -19.58
CA ARG D 241 -7.05 11.05 -20.33
C ARG D 241 -7.06 9.59 -19.89
N GLU D 242 -7.11 9.33 -18.58
CA GLU D 242 -7.18 7.96 -18.09
C GLU D 242 -8.56 7.35 -18.21
N TYR D 243 -9.59 8.15 -18.44
CA TYR D 243 -10.92 7.65 -18.75
C TYR D 243 -11.16 7.54 -20.25
N ASN D 244 -10.15 7.89 -21.06
CA ASN D 244 -10.21 7.79 -22.52
C ASN D 244 -11.36 8.58 -23.11
N LEU D 245 -11.63 9.76 -22.54
CA LEU D 245 -12.62 10.67 -23.10
C LEU D 245 -12.02 11.57 -24.16
N VAL D 246 -10.72 11.89 -24.05
CA VAL D 246 -10.02 12.66 -25.06
C VAL D 246 -8.87 11.83 -25.62
N ASP E 1 2.03 2.84 38.79
CA ASP E 1 1.52 3.42 37.56
C ASP E 1 0.23 2.74 37.13
N VAL E 2 0.34 1.45 36.80
CA VAL E 2 -0.83 0.67 36.39
C VAL E 2 -1.69 0.39 37.62
N GLN E 3 -2.99 0.64 37.51
CA GLN E 3 -3.89 0.44 38.63
C GLN E 3 -5.25 0.00 38.11
N LEU E 4 -5.83 -0.98 38.78
CA LEU E 4 -7.20 -1.47 38.51
C LEU E 4 -7.97 -1.38 39.82
N VAL E 5 -8.53 -0.22 40.09
CA VAL E 5 -9.24 0.04 41.34
C VAL E 5 -10.65 -0.51 41.24
N GLU E 6 -11.04 -1.33 42.20
CA GLU E 6 -12.33 -1.99 42.21
C GLU E 6 -13.35 -1.17 42.99
N SER E 7 -14.63 -1.49 42.78
CA SER E 7 -15.71 -0.82 43.48
C SER E 7 -16.92 -1.73 43.53
N GLY E 8 -17.81 -1.45 44.48
CA GLY E 8 -19.00 -2.26 44.66
C GLY E 8 -18.86 -3.26 45.79
N GLY E 9 -19.52 -4.41 45.66
CA GLY E 9 -19.44 -5.43 46.67
C GLY E 9 -20.30 -5.12 47.88
N GLY E 10 -20.01 -5.82 48.97
CA GLY E 10 -20.76 -5.69 50.20
C GLY E 10 -21.80 -6.78 50.35
N LEU E 11 -22.57 -6.66 51.44
CA LEU E 11 -23.60 -7.64 51.76
C LEU E 11 -24.89 -7.29 51.03
N VAL E 12 -25.43 -8.26 50.28
CA VAL E 12 -26.68 -8.09 49.58
C VAL E 12 -27.55 -9.33 49.83
N GLN E 13 -28.86 -9.15 49.68
CA GLN E 13 -29.81 -10.23 49.88
C GLN E 13 -29.80 -11.18 48.68
N PRO E 14 -30.05 -12.46 48.92
CA PRO E 14 -30.13 -13.41 47.79
C PRO E 14 -31.33 -13.11 46.90
N GLY E 15 -31.17 -13.42 45.61
CA GLY E 15 -32.19 -13.15 44.63
C GLY E 15 -32.22 -11.73 44.13
N GLY E 16 -31.32 -10.86 44.60
CA GLY E 16 -31.27 -9.48 44.18
C GLY E 16 -30.36 -9.27 42.98
N SER E 17 -29.91 -8.02 42.83
CA SER E 17 -29.03 -7.65 41.74
C SER E 17 -27.96 -6.70 42.25
N ARG E 18 -26.74 -6.89 41.79
CA ARG E 18 -25.62 -6.02 42.13
C ARG E 18 -24.75 -5.81 40.90
N LYS E 19 -24.16 -4.63 40.80
CA LYS E 19 -23.29 -4.28 39.69
C LYS E 19 -21.89 -3.98 40.23
N LEU E 20 -20.89 -4.60 39.61
CA LEU E 20 -19.49 -4.42 39.99
C LEU E 20 -18.77 -3.63 38.91
N SER E 21 -17.93 -2.68 39.33
CA SER E 21 -17.16 -1.87 38.41
C SER E 21 -15.69 -1.86 38.83
N CYS E 22 -14.80 -1.97 37.85
CA CYS E 22 -13.36 -1.93 38.07
C CYS E 22 -12.77 -0.78 37.27
N SER E 23 -12.23 0.21 37.96
CA SER E 23 -11.74 1.43 37.34
C SER E 23 -10.27 1.25 36.97
N ALA E 24 -9.94 1.52 35.71
CA ALA E 24 -8.61 1.30 35.16
C ALA E 24 -7.91 2.63 34.95
N SER E 25 -6.64 2.71 35.35
CA SER E 25 -5.83 3.90 35.14
C SER E 25 -4.37 3.48 35.06
N GLY E 26 -3.61 4.16 34.19
CA GLY E 26 -2.20 3.90 34.04
C GLY E 26 -1.80 3.09 32.82
N PHE E 27 -2.75 2.74 31.95
CA PHE E 27 -2.43 1.99 30.74
C PHE E 27 -3.51 2.26 29.71
N ALA E 28 -3.22 1.85 28.47
CA ALA E 28 -4.17 2.01 27.38
C ALA E 28 -5.31 1.01 27.51
N PHE E 29 -6.42 1.44 28.13
CA PHE E 29 -7.51 0.52 28.45
C PHE E 29 -8.21 -0.02 27.20
N SER E 30 -8.22 0.76 26.12
CA SER E 30 -8.99 0.39 24.95
C SER E 30 -8.41 -0.81 24.20
N SER E 31 -7.12 -1.09 24.37
CA SER E 31 -6.46 -2.15 23.63
C SER E 31 -6.26 -3.42 24.45
N PHE E 32 -6.90 -3.52 25.60
CA PHE E 32 -6.75 -4.67 26.50
C PHE E 32 -8.09 -5.37 26.67
N GLY E 33 -8.13 -6.67 26.38
CA GLY E 33 -9.26 -7.46 26.80
C GLY E 33 -9.24 -7.68 28.31
N MET E 34 -10.42 -7.80 28.89
CA MET E 34 -10.55 -7.87 30.34
C MET E 34 -11.35 -9.09 30.74
N HIS E 35 -11.04 -9.62 31.92
CA HIS E 35 -11.66 -10.82 32.46
C HIS E 35 -12.16 -10.54 33.87
N TRP E 36 -13.10 -11.37 34.31
CA TRP E 36 -13.57 -11.37 35.69
C TRP E 36 -13.28 -12.73 36.28
N VAL E 37 -12.56 -12.76 37.41
CA VAL E 37 -12.19 -13.99 38.09
C VAL E 37 -12.58 -13.85 39.55
N ARG E 38 -13.24 -14.86 40.10
CA ARG E 38 -13.67 -14.85 41.48
C ARG E 38 -12.92 -15.90 42.29
N GLN E 39 -12.87 -15.68 43.60
CA GLN E 39 -12.23 -16.61 44.53
C GLN E 39 -13.21 -16.91 45.65
N ALA E 40 -13.57 -18.18 45.81
CA ALA E 40 -14.41 -18.59 46.91
C ALA E 40 -13.63 -18.50 48.22
N PRO E 41 -14.33 -18.30 49.35
CA PRO E 41 -13.61 -18.16 50.63
C PRO E 41 -12.80 -19.38 51.03
N GLU E 42 -13.14 -20.57 50.52
CA GLU E 42 -12.42 -21.79 50.85
C GLU E 42 -12.11 -22.59 49.59
N LYS E 43 -11.69 -21.92 48.52
CA LYS E 43 -11.36 -22.57 47.27
C LYS E 43 -10.41 -21.67 46.49
N GLY E 44 -10.08 -22.11 45.27
CA GLY E 44 -9.18 -21.38 44.41
C GLY E 44 -9.92 -20.46 43.46
N LEU E 45 -9.19 -20.00 42.45
CA LEU E 45 -9.73 -19.06 41.49
C LEU E 45 -10.72 -19.74 40.55
N GLU E 46 -11.63 -18.93 40.00
CA GLU E 46 -12.65 -19.43 39.07
C GLU E 46 -12.97 -18.33 38.08
N TRP E 47 -12.72 -18.59 36.80
CA TRP E 47 -12.99 -17.62 35.75
C TRP E 47 -14.49 -17.44 35.56
N VAL E 48 -14.92 -16.20 35.30
CA VAL E 48 -16.34 -15.87 35.24
C VAL E 48 -16.76 -15.41 33.85
N ALA E 49 -16.18 -14.32 33.37
CA ALA E 49 -16.58 -13.74 32.10
C ALA E 49 -15.38 -13.11 31.43
N TYR E 50 -15.60 -12.60 30.22
CA TYR E 50 -14.54 -12.00 29.40
C TYR E 50 -15.12 -11.09 28.34
N ILE E 51 -14.60 -9.87 28.23
CA ILE E 51 -14.97 -8.94 27.17
C ILE E 51 -13.68 -8.51 26.46
N SER E 52 -13.76 -8.42 25.14
CA SER E 52 -12.57 -8.18 24.33
C SER E 52 -12.36 -6.68 24.13
N SER E 53 -11.40 -6.33 23.29
CA SER E 53 -11.19 -4.92 22.93
C SER E 53 -12.24 -4.49 21.93
N GLY E 54 -12.91 -3.39 22.22
CA GLY E 54 -14.03 -2.95 21.42
C GLY E 54 -15.33 -3.69 21.68
N SER E 55 -15.35 -4.58 22.68
CA SER E 55 -16.53 -5.36 23.06
C SER E 55 -17.06 -6.21 21.90
N GLY E 56 -16.17 -6.68 21.04
CA GLY E 56 -16.60 -7.48 19.89
C GLY E 56 -16.78 -8.95 20.15
N THR E 57 -16.43 -9.43 21.34
CA THR E 57 -16.52 -10.85 21.67
C THR E 57 -16.68 -11.00 23.17
N ILE E 58 -17.73 -11.70 23.57
CA ILE E 58 -18.06 -11.89 24.98
C ILE E 58 -18.20 -13.38 25.27
N TYR E 59 -17.58 -13.84 26.35
CA TYR E 59 -17.66 -15.22 26.79
C TYR E 59 -18.09 -15.27 28.25
N TYR E 60 -18.90 -16.26 28.59
CA TYR E 60 -19.39 -16.42 29.95
C TYR E 60 -19.13 -17.83 30.43
N ALA E 61 -18.93 -17.97 31.73
CA ALA E 61 -18.94 -19.29 32.35
C ALA E 61 -20.34 -19.88 32.28
N ASP E 62 -20.43 -21.20 32.22
CA ASP E 62 -21.73 -21.86 32.11
C ASP E 62 -22.56 -21.71 33.38
N THR E 63 -21.95 -21.33 34.49
CA THR E 63 -22.66 -21.16 35.75
C THR E 63 -23.14 -19.72 35.98
N VAL E 64 -22.86 -18.81 35.05
CA VAL E 64 -23.28 -17.42 35.18
C VAL E 64 -24.00 -16.97 33.92
N LYS E 65 -24.00 -17.81 32.90
CA LYS E 65 -24.60 -17.44 31.62
C LYS E 65 -26.11 -17.31 31.75
N GLY E 66 -26.64 -16.20 31.26
CA GLY E 66 -28.05 -15.90 31.34
C GLY E 66 -28.42 -14.99 32.50
N ARG E 67 -27.57 -14.88 33.52
CA ARG E 67 -27.82 -14.01 34.66
C ARG E 67 -26.70 -13.02 34.92
N PHE E 68 -25.55 -13.16 34.27
CA PHE E 68 -24.44 -12.22 34.41
C PHE E 68 -24.20 -11.55 33.06
N THR E 69 -23.81 -10.29 33.11
CA THR E 69 -23.49 -9.53 31.90
C THR E 69 -22.26 -8.67 32.15
N ILE E 70 -21.36 -8.63 31.18
CA ILE E 70 -20.12 -7.87 31.28
C ILE E 70 -20.09 -6.81 30.19
N SER E 71 -19.75 -5.59 30.57
CA SER E 71 -19.68 -4.48 29.63
C SER E 71 -18.54 -3.57 30.03
N ARG E 72 -18.06 -2.79 29.06
CA ARG E 72 -16.96 -1.86 29.27
C ARG E 72 -17.31 -0.49 28.69
N ASP E 73 -16.70 0.53 29.27
CA ASP E 73 -16.88 1.92 28.85
C ASP E 73 -15.50 2.50 28.56
N ASP E 74 -15.06 2.38 27.30
CA ASP E 74 -13.71 2.82 26.93
C ASP E 74 -13.46 4.31 27.15
N PRO E 75 -14.34 5.25 26.77
CA PRO E 75 -14.05 6.66 27.08
C PRO E 75 -13.96 6.96 28.57
N LYS E 76 -14.71 6.27 29.41
CA LYS E 76 -14.68 6.49 30.85
C LYS E 76 -13.63 5.66 31.56
N ASN E 77 -12.94 4.77 30.84
CA ASN E 77 -11.87 3.92 31.38
C ASN E 77 -12.37 3.07 32.55
N THR E 78 -13.45 2.33 32.31
CA THR E 78 -14.01 1.44 33.32
C THR E 78 -14.82 0.35 32.63
N LEU E 79 -15.00 -0.75 33.34
CA LEU E 79 -15.88 -1.82 32.86
C LEU E 79 -16.78 -2.28 34.00
N PHE E 80 -17.88 -2.92 33.65
CA PHE E 80 -18.90 -3.29 34.60
C PHE E 80 -19.21 -4.78 34.49
N LEU E 81 -19.75 -5.33 35.58
CA LEU E 81 -20.28 -6.69 35.61
C LEU E 81 -21.67 -6.63 36.22
N GLN E 82 -22.70 -6.74 35.39
CA GLN E 82 -24.07 -6.75 35.86
C GLN E 82 -24.41 -8.17 36.32
N MET E 83 -24.83 -8.30 37.57
CA MET E 83 -25.13 -9.60 38.17
C MET E 83 -26.57 -9.59 38.66
N THR E 84 -27.42 -10.40 38.03
CA THR E 84 -28.82 -10.51 38.40
C THR E 84 -29.12 -11.92 38.87
N SER E 85 -30.18 -12.04 39.68
CA SER E 85 -30.66 -13.31 40.23
C SER E 85 -29.55 -14.02 41.01
N LEU E 86 -29.05 -13.33 42.03
CA LEU E 86 -27.95 -13.86 42.83
C LEU E 86 -28.43 -15.00 43.71
N ARG E 87 -27.51 -15.90 44.04
CA ARG E 87 -27.76 -17.01 44.94
C ARG E 87 -26.67 -17.02 46.01
N SER E 88 -26.73 -18.02 46.89
CA SER E 88 -25.78 -18.12 48.00
C SER E 88 -24.43 -18.69 47.58
N GLU E 89 -24.30 -19.17 46.34
CA GLU E 89 -23.04 -19.72 45.86
C GLU E 89 -22.18 -18.69 45.15
N ASP E 90 -22.60 -17.42 45.11
CA ASP E 90 -21.85 -16.36 44.47
C ASP E 90 -21.09 -15.49 45.46
N THR E 91 -21.03 -15.88 46.73
CA THR E 91 -20.24 -15.16 47.72
C THR E 91 -18.77 -15.43 47.45
N ALA E 92 -18.09 -14.46 46.86
CA ALA E 92 -16.70 -14.62 46.45
C ALA E 92 -16.04 -13.24 46.42
N MET E 93 -14.80 -13.20 45.95
CA MET E 93 -14.05 -11.96 45.78
C MET E 93 -13.66 -11.85 44.31
N TYR E 94 -14.16 -10.81 43.63
CA TYR E 94 -14.10 -10.72 42.18
C TYR E 94 -12.92 -9.86 41.76
N TYR E 95 -12.03 -10.42 40.95
CA TYR E 95 -10.89 -9.71 40.41
C TYR E 95 -11.13 -9.32 38.96
N CYS E 96 -10.57 -8.18 38.56
CA CYS E 96 -10.57 -7.74 37.17
C CYS E 96 -9.15 -7.88 36.63
N VAL E 97 -9.02 -8.65 35.55
CA VAL E 97 -7.73 -9.01 34.98
C VAL E 97 -7.67 -8.51 33.55
N ARG E 98 -6.63 -7.76 33.21
CA ARG E 98 -6.40 -7.31 31.85
C ARG E 98 -5.58 -8.32 31.08
N SER E 99 -5.79 -8.38 29.77
CA SER E 99 -5.09 -9.34 28.93
C SER E 99 -5.06 -8.83 27.51
N ILE E 100 -3.88 -8.84 26.89
CA ILE E 100 -3.68 -8.37 25.53
C ILE E 100 -3.18 -9.55 24.69
N TYR E 101 -3.68 -9.63 23.46
CA TYR E 101 -3.42 -10.79 22.60
C TYR E 101 -2.84 -10.33 21.27
N TYR E 102 -1.55 -10.52 21.11
CA TYR E 102 -0.88 -10.45 19.81
C TYR E 102 0.25 -11.48 19.84
N TYR E 103 1.13 -11.44 18.85
CA TYR E 103 2.22 -12.41 18.81
C TYR E 103 3.27 -12.05 19.86
N GLY E 104 3.53 -12.97 20.78
CA GLY E 104 4.51 -12.77 21.81
C GLY E 104 4.02 -12.04 23.05
N SER E 105 2.76 -11.61 23.07
CA SER E 105 2.21 -10.92 24.22
C SER E 105 1.99 -11.89 25.37
N SER E 106 1.96 -11.33 26.57
CA SER E 106 1.65 -12.09 27.78
C SER E 106 0.31 -11.64 28.33
N PRO E 107 -0.73 -12.45 28.25
CA PRO E 107 -1.99 -12.08 28.90
C PRO E 107 -1.91 -12.31 30.41
N PHE E 108 -2.92 -11.76 31.11
CA PHE E 108 -3.08 -11.90 32.55
C PHE E 108 -1.91 -11.29 33.32
N ASP E 109 -1.44 -10.13 32.89
CA ASP E 109 -0.35 -9.45 33.59
C ASP E 109 -0.83 -8.90 34.93
N PHE E 110 -1.75 -7.95 34.90
CA PHE E 110 -2.11 -7.17 36.06
C PHE E 110 -3.47 -7.61 36.59
N TRP E 111 -3.49 -7.99 37.86
CA TRP E 111 -4.72 -8.34 38.57
C TRP E 111 -5.04 -7.25 39.55
N GLY E 112 -6.26 -6.71 39.48
CA GLY E 112 -6.67 -5.72 40.44
C GLY E 112 -7.04 -6.34 41.77
N GLN E 113 -7.36 -5.52 42.75
CA GLN E 113 -7.87 -6.01 44.02
C GLN E 113 -9.35 -6.32 43.89
N GLY E 114 -9.84 -7.16 44.79
CA GLY E 114 -11.18 -7.72 44.66
C GLY E 114 -12.23 -6.97 45.45
N THR E 115 -13.49 -7.28 45.12
CA THR E 115 -14.65 -6.78 45.85
C THR E 115 -15.28 -7.95 46.59
N THR E 116 -15.43 -7.82 47.90
CA THR E 116 -16.00 -8.90 48.71
C THR E 116 -17.53 -8.87 48.59
N LEU E 117 -18.07 -9.82 47.85
CA LEU E 117 -19.51 -9.98 47.70
C LEU E 117 -20.00 -11.00 48.71
N THR E 118 -20.94 -10.61 49.55
CA THR E 118 -21.50 -11.49 50.58
C THR E 118 -23.00 -11.61 50.33
N VAL E 119 -23.40 -12.73 49.71
CA VAL E 119 -24.80 -13.01 49.45
C VAL E 119 -25.32 -13.86 50.60
N SER E 120 -26.21 -13.29 51.41
CA SER E 120 -26.72 -13.97 52.58
C SER E 120 -27.95 -14.81 52.26
N SER E 136 -17.27 -31.80 28.91
CA SER E 136 -16.41 -31.40 27.80
C SER E 136 -15.51 -30.25 28.19
N ASP E 137 -15.21 -30.14 29.49
CA ASP E 137 -14.39 -29.07 30.02
C ASP E 137 -13.04 -29.65 30.46
N ILE E 138 -11.96 -28.95 30.10
CA ILE E 138 -10.64 -29.36 30.53
C ILE E 138 -10.49 -29.11 32.02
N VAL E 139 -10.08 -30.14 32.75
CA VAL E 139 -9.89 -30.03 34.20
C VAL E 139 -8.41 -29.93 34.49
N MET E 140 -8.09 -29.18 35.54
CA MET E 140 -6.71 -29.00 35.99
C MET E 140 -6.57 -29.68 37.35
N THR E 141 -5.63 -30.61 37.46
CA THR E 141 -5.47 -31.41 38.67
C THR E 141 -4.08 -31.18 39.24
N GLN E 142 -4.02 -30.83 40.53
CA GLN E 142 -2.77 -30.68 41.26
C GLN E 142 -2.87 -31.55 42.50
N ALA E 143 -2.18 -32.69 42.49
CA ALA E 143 -2.29 -33.66 43.58
C ALA E 143 -1.79 -33.08 44.89
N THR E 144 -0.65 -32.38 44.86
CA THR E 144 -0.14 -31.73 46.06
C THR E 144 -1.00 -30.52 46.41
N SER E 145 -1.33 -30.39 47.69
CA SER E 145 -2.13 -29.28 48.17
C SER E 145 -1.42 -28.48 49.26
N SER E 146 -0.72 -29.13 50.17
CA SER E 146 0.04 -28.46 51.22
C SER E 146 1.40 -29.13 51.34
N VAL E 147 2.47 -28.36 51.12
CA VAL E 147 3.83 -28.88 51.12
C VAL E 147 4.69 -28.00 52.02
N PRO E 148 5.32 -28.56 53.05
CA PRO E 148 6.25 -27.75 53.88
C PRO E 148 7.59 -27.60 53.16
N VAL E 149 8.03 -26.35 53.02
CA VAL E 149 9.25 -26.03 52.30
C VAL E 149 10.15 -25.21 53.22
N THR E 150 11.39 -25.68 53.42
CA THR E 150 12.37 -24.92 54.15
C THR E 150 12.97 -23.83 53.26
N PRO E 151 13.32 -22.68 53.84
CA PRO E 151 13.95 -21.62 53.04
C PRO E 151 15.31 -22.04 52.50
N GLY E 152 15.62 -21.56 51.29
CA GLY E 152 16.88 -21.84 50.66
C GLY E 152 16.93 -23.14 49.89
N GLU E 153 15.90 -23.97 49.94
CA GLU E 153 15.88 -25.25 49.24
C GLU E 153 15.24 -25.08 47.87
N SER E 154 15.01 -26.19 47.18
CA SER E 154 14.42 -26.17 45.85
C SER E 154 13.26 -27.17 45.81
N VAL E 155 12.12 -26.74 45.27
CA VAL E 155 10.94 -27.58 45.17
C VAL E 155 10.34 -27.43 43.78
N SER E 156 9.60 -28.47 43.38
CA SER E 156 8.91 -28.49 42.09
C SER E 156 7.43 -28.77 42.32
N ILE E 157 6.58 -27.96 41.70
CA ILE E 157 5.13 -28.05 41.86
C ILE E 157 4.53 -28.38 40.51
N SER E 158 3.76 -29.47 40.44
CA SER E 158 3.28 -30.02 39.18
C SER E 158 1.80 -29.72 38.98
N CYS E 159 1.36 -29.95 37.75
CA CYS E 159 -0.04 -29.83 37.35
C CYS E 159 -0.32 -30.86 36.26
N ARG E 160 -1.60 -31.20 36.12
CA ARG E 160 -2.01 -32.19 35.13
C ARG E 160 -3.23 -31.67 34.37
N SER E 161 -3.41 -32.20 33.17
CA SER E 161 -4.51 -31.79 32.30
C SER E 161 -5.23 -33.01 31.75
N SER E 162 -6.53 -32.86 31.51
CA SER E 162 -7.32 -33.91 30.87
C SER E 162 -7.20 -33.87 29.36
N LYS E 163 -6.60 -32.83 28.79
CA LYS E 163 -6.45 -32.69 27.35
C LYS E 163 -5.06 -32.13 27.05
N SER E 164 -4.55 -32.45 25.87
CA SER E 164 -3.24 -31.95 25.47
C SER E 164 -3.33 -30.45 25.17
N LEU E 165 -2.63 -29.64 25.98
CA LEU E 165 -2.64 -28.20 25.80
C LEU E 165 -1.77 -27.74 24.65
N LEU E 166 -0.88 -28.60 24.15
CA LEU E 166 -0.03 -28.24 23.03
C LEU E 166 -0.86 -28.14 21.75
N HIS E 167 -0.72 -27.03 21.04
CA HIS E 167 -1.48 -26.80 19.82
C HIS E 167 -0.66 -27.22 18.60
N SER E 168 -1.30 -27.17 17.43
CA SER E 168 -0.62 -27.52 16.19
C SER E 168 0.41 -26.48 15.77
N ASN E 169 0.34 -25.28 16.32
CA ASN E 169 1.31 -24.23 16.01
C ASN E 169 2.55 -24.29 16.91
N GLY E 170 2.57 -25.18 17.88
CA GLY E 170 3.70 -25.33 18.78
C GLY E 170 3.61 -24.57 20.08
N ASN E 171 2.44 -24.02 20.41
CA ASN E 171 2.26 -23.23 21.62
C ASN E 171 1.53 -24.08 22.66
N THR E 172 2.12 -24.21 23.84
CA THR E 172 1.51 -24.92 24.96
C THR E 172 0.90 -23.88 25.89
N TYR E 173 -0.43 -23.86 25.97
CA TYR E 173 -1.15 -22.78 26.66
C TYR E 173 -1.39 -23.15 28.12
N LEU E 174 -0.34 -22.99 28.92
CA LEU E 174 -0.41 -23.21 30.36
C LEU E 174 0.20 -22.03 31.08
N TYR E 175 -0.48 -21.55 32.12
CA TYR E 175 -0.10 -20.34 32.84
C TYR E 175 0.02 -20.66 34.33
N TRP E 176 0.92 -19.94 34.99
CA TRP E 176 1.17 -20.12 36.42
C TRP E 176 0.97 -18.80 37.13
N PHE E 177 0.33 -18.85 38.31
CA PHE E 177 0.06 -17.66 39.11
C PHE E 177 0.47 -17.93 40.55
N LEU E 178 0.75 -16.86 41.27
CA LEU E 178 1.14 -16.94 42.68
C LEU E 178 0.28 -15.99 43.49
N GLN E 179 -0.54 -16.53 44.39
CA GLN E 179 -1.34 -15.75 45.32
C GLN E 179 -0.63 -15.71 46.66
N ARG E 180 0.01 -14.59 46.96
CA ARG E 180 0.58 -14.39 48.28
C ARG E 180 -0.55 -14.18 49.29
N PRO E 181 -0.32 -14.52 50.56
CA PRO E 181 -1.36 -14.34 51.58
C PRO E 181 -1.75 -12.88 51.74
N GLY E 182 -3.02 -12.59 51.48
CA GLY E 182 -3.52 -11.23 51.59
C GLY E 182 -3.27 -10.35 50.38
N GLN E 183 -2.91 -10.93 49.24
CA GLN E 183 -2.60 -10.15 48.04
C GLN E 183 -3.24 -10.81 46.83
N SER E 184 -3.46 -10.00 45.79
CA SER E 184 -3.98 -10.50 44.54
C SER E 184 -2.93 -11.35 43.83
N PRO E 185 -3.35 -12.39 43.10
CA PRO E 185 -2.38 -13.24 42.42
C PRO E 185 -1.72 -12.51 41.26
N GLN E 186 -0.49 -12.93 40.96
CA GLN E 186 0.31 -12.33 39.91
C GLN E 186 0.88 -13.40 38.99
N LEU E 187 0.89 -13.12 37.69
CA LEU E 187 1.44 -14.05 36.73
C LEU E 187 2.96 -14.08 36.84
N LEU E 188 3.51 -15.28 36.74
CA LEU E 188 4.97 -15.42 36.72
C LEU E 188 5.48 -16.20 35.52
N ILE E 189 4.74 -17.22 35.08
CA ILE E 189 5.12 -18.01 33.91
C ILE E 189 3.90 -18.08 32.98
N TYR E 190 4.11 -17.73 31.71
CA TYR E 190 3.04 -17.79 30.73
C TYR E 190 3.46 -18.67 29.56
N ARG E 191 2.49 -19.45 29.06
CA ARG E 191 2.70 -20.42 27.98
C ARG E 191 3.75 -21.46 28.34
N MET E 192 3.82 -21.79 29.63
CA MET E 192 4.52 -22.95 30.20
C MET E 192 6.04 -22.85 30.15
N SER E 193 6.58 -21.83 29.48
CA SER E 193 8.03 -21.68 29.41
C SER E 193 8.55 -20.27 29.61
N ASN E 194 7.74 -19.23 29.39
CA ASN E 194 8.24 -17.86 29.35
C ASN E 194 8.05 -17.18 30.70
N LEU E 195 9.12 -16.56 31.21
CA LEU E 195 9.05 -15.81 32.44
C LEU E 195 8.43 -14.44 32.20
N ALA E 196 7.56 -14.03 33.11
CA ALA E 196 6.92 -12.73 33.01
C ALA E 196 7.90 -11.62 33.39
N SER E 197 7.53 -10.38 33.08
CA SER E 197 8.35 -9.24 33.39
C SER E 197 8.29 -8.93 34.89
N GLY E 198 9.46 -8.72 35.49
CA GLY E 198 9.55 -8.47 36.91
C GLY E 198 9.71 -9.72 37.77
N VAL E 199 9.58 -10.89 37.18
CA VAL E 199 9.78 -12.15 37.89
C VAL E 199 11.22 -12.60 37.66
N PRO E 200 11.98 -12.90 38.72
CA PRO E 200 13.41 -13.22 38.55
C PRO E 200 13.60 -14.56 37.86
N ASP E 201 14.87 -14.87 37.58
CA ASP E 201 15.26 -16.11 36.96
C ASP E 201 15.21 -17.30 37.92
N ARG E 202 14.85 -17.06 39.18
CA ARG E 202 14.70 -18.15 40.14
C ARG E 202 13.60 -19.12 39.71
N PHE E 203 12.49 -18.59 39.20
CA PHE E 203 11.37 -19.43 38.76
C PHE E 203 11.65 -19.96 37.36
N SER E 204 11.40 -21.26 37.16
CA SER E 204 11.56 -21.89 35.86
C SER E 204 10.38 -22.83 35.63
N GLY E 205 9.76 -22.72 34.46
CA GLY E 205 8.63 -23.55 34.11
C GLY E 205 8.96 -24.45 32.94
N SER E 206 8.51 -25.70 33.01
CA SER E 206 8.79 -26.69 31.98
C SER E 206 7.71 -27.76 32.03
N GLY E 207 7.64 -28.55 30.96
CA GLY E 207 6.69 -29.64 30.90
C GLY E 207 6.52 -30.13 29.47
N SER E 208 5.49 -30.94 29.29
CA SER E 208 5.15 -31.50 27.99
C SER E 208 3.62 -31.63 27.94
N GLY E 209 3.12 -32.42 26.99
CA GLY E 209 1.69 -32.64 26.88
C GLY E 209 1.09 -33.33 28.09
N THR E 210 0.10 -32.68 28.70
CA THR E 210 -0.63 -33.19 29.86
C THR E 210 0.30 -33.50 31.04
N ALA E 211 1.40 -32.77 31.16
CA ALA E 211 2.34 -32.95 32.26
C ALA E 211 3.18 -31.69 32.39
N PHE E 212 3.05 -30.99 33.51
CA PHE E 212 3.72 -29.71 33.69
C PHE E 212 4.31 -29.64 35.10
N THR E 213 5.29 -28.76 35.26
CA THR E 213 5.91 -28.54 36.55
C THR E 213 6.46 -27.12 36.62
N LEU E 214 6.66 -26.64 37.84
CA LEU E 214 7.24 -25.32 38.08
C LEU E 214 8.38 -25.49 39.07
N THR E 215 9.61 -25.24 38.60
CA THR E 215 10.81 -25.45 39.41
C THR E 215 11.25 -24.12 40.00
N ILE E 216 11.38 -24.09 41.33
CA ILE E 216 11.89 -22.93 42.06
C ILE E 216 13.20 -23.34 42.70
N SER E 217 14.28 -22.60 42.39
CA SER E 217 15.60 -22.91 42.89
C SER E 217 16.05 -21.80 43.84
N ARG E 218 16.61 -22.19 44.99
CA ARG E 218 17.03 -21.27 46.04
C ARG E 218 15.86 -20.40 46.50
N LEU E 219 14.86 -21.07 47.08
CA LEU E 219 13.65 -20.42 47.54
C LEU E 219 13.93 -19.46 48.69
N GLU E 220 13.86 -18.16 48.42
CA GLU E 220 14.09 -17.14 49.42
C GLU E 220 12.76 -16.77 50.09
N ALA E 221 12.76 -15.68 50.85
CA ALA E 221 11.54 -15.21 51.50
C ALA E 221 10.56 -14.66 50.46
N GLU E 222 9.30 -14.54 50.88
CA GLU E 222 8.19 -14.03 50.07
C GLU E 222 7.94 -14.88 48.83
N ASP E 223 8.38 -16.14 48.84
CA ASP E 223 8.09 -17.08 47.78
C ASP E 223 6.94 -18.03 48.12
N VAL E 224 6.34 -17.87 49.30
CA VAL E 224 5.29 -18.76 49.75
C VAL E 224 3.94 -18.24 49.28
N GLY E 225 2.96 -19.13 49.23
CA GLY E 225 1.64 -18.81 48.76
C GLY E 225 1.03 -20.00 48.06
N VAL E 226 0.04 -19.74 47.21
CA VAL E 226 -0.67 -20.76 46.47
C VAL E 226 -0.36 -20.59 45.00
N TYR E 227 0.01 -21.69 44.34
CA TYR E 227 0.36 -21.70 42.93
C TYR E 227 -0.78 -22.30 42.13
N TYR E 228 -1.27 -21.56 41.15
CA TYR E 228 -2.41 -21.98 40.34
C TYR E 228 -1.96 -22.20 38.91
N CYS E 229 -2.26 -23.39 38.38
CA CYS E 229 -2.09 -23.65 36.96
C CYS E 229 -3.40 -23.39 36.22
N MET E 230 -3.27 -22.90 34.98
CA MET E 230 -4.42 -22.45 34.20
C MET E 230 -4.21 -22.83 32.74
N GLN E 231 -5.30 -23.22 32.09
CA GLN E 231 -5.29 -23.49 30.66
C GLN E 231 -5.89 -22.32 29.91
N HIS E 232 -5.36 -22.05 28.72
CA HIS E 232 -5.89 -21.03 27.83
C HIS E 232 -6.08 -21.58 26.43
N LEU E 233 -6.25 -22.90 26.32
CA LEU E 233 -6.41 -23.53 25.01
C LEU E 233 -7.80 -23.27 24.43
N GLU E 234 -8.83 -23.27 25.27
CA GLU E 234 -10.18 -23.01 24.82
C GLU E 234 -10.99 -22.46 25.98
N TYR E 235 -12.05 -21.72 25.65
CA TYR E 235 -12.95 -21.21 26.68
C TYR E 235 -13.98 -22.27 27.06
N PRO E 236 -14.34 -22.38 28.34
CA PRO E 236 -13.90 -21.59 29.50
C PRO E 236 -12.49 -21.93 29.98
N LEU E 237 -11.85 -21.00 30.68
CA LEU E 237 -10.51 -21.21 31.22
C LEU E 237 -10.65 -21.74 32.64
N THR E 238 -10.08 -22.90 32.90
CA THR E 238 -10.21 -23.59 34.17
C THR E 238 -8.89 -23.55 34.93
N PHE E 239 -8.96 -23.25 36.22
CA PHE E 239 -7.78 -23.14 37.07
C PHE E 239 -7.53 -24.45 37.80
N GLY E 240 -6.34 -24.56 38.38
CA GLY E 240 -6.03 -25.67 39.24
C GLY E 240 -6.55 -25.46 40.65
N ALA E 241 -6.49 -26.53 41.44
CA ALA E 241 -6.93 -26.44 42.83
C ALA E 241 -6.00 -25.57 43.65
N GLY E 242 -4.69 -25.68 43.42
CA GLY E 242 -3.72 -24.89 44.13
C GLY E 242 -2.75 -25.74 44.94
N THR E 243 -1.57 -25.19 45.22
CA THR E 243 -0.55 -25.89 45.99
C THR E 243 0.03 -24.90 47.01
N LYS E 244 -0.49 -24.94 48.23
CA LYS E 244 -0.06 -24.00 49.25
C LYS E 244 1.34 -24.33 49.75
N LEU E 245 2.10 -23.28 50.06
CA LEU E 245 3.43 -23.40 50.65
C LEU E 245 3.41 -22.69 52.00
N GLU E 246 3.96 -23.33 53.02
CA GLU E 246 3.92 -22.82 54.38
C GLU E 246 5.34 -22.78 54.96
N LEU E 247 5.55 -21.84 55.87
CA LEU E 247 6.82 -21.71 56.55
C LEU E 247 6.99 -22.81 57.60
N LYS E 248 8.24 -23.13 57.89
CA LYS E 248 8.55 -24.15 58.88
C LYS E 248 8.83 -23.53 60.25
#